data_6VZ1
#
_entry.id   6VZ1
#
_cell.length_a   1.00
_cell.length_b   1.00
_cell.length_c   1.00
_cell.angle_alpha   90.00
_cell.angle_beta   90.00
_cell.angle_gamma   90.00
#
_symmetry.space_group_name_H-M   'P 1'
#
loop_
_entity.id
_entity.type
_entity.pdbx_description
1 polymer 'Diacylglycerol O-acyltransferase 1'
2 non-polymer '[(2~{R})-1-[2-azanylethoxy(oxidanyl)phosphoryl]oxy-3-hexadecanoyloxy-propan-2-yl] (~{Z})-octadec-9-enoate'
3 non-polymer 'S-{(3R,5R,9R)-1-[(2R,3S,4R,5R)-5-(6-amino-9H-purin-9-yl)-4-hydroxy-3-(phosphonooxy)tetrahydrofuran-2-yl]-3,5,9-trihydroxy-8,8-dimethyl-3,5-dioxido-10,14-dioxo-2,4,6-trioxa-11,15-diaza-3lambda~5~,5lambda~5~-diphosphaheptadecan-17-yl} (9Z)-octadec-9-enethioate (non-preferred name)'
#
_entity_poly.entity_id   1
_entity_poly.type   'polypeptide(L)'
_entity_poly.pdbx_seq_one_letter_code
;MGDRGSSRRRRTGSRPSSHGGGGPAAAEEEVRDAAAGPDVGAAGDAPAPAPNKDGDAGVGSGHWELRCHRLQDSLFSSDS
GFSNYRGILNWCVVMLILSNARLFLENLIKYGILVDPIQVVSLFLKDPYSWPAPCLVIAANVFAVAAFQVEKRLAVGALT
EQAGLLLHVANLATILCFPAAVVLLVESITPVGSLLALMAHTILFLKLFSYRDVNSWCRRARAKAASAGKKASSAAAPHT
VSYPDNLTYRDLYYFLFAPTLCYELNFPRSPRIRKRFLLRRILEMLFFTQLQVGLIQQWMVPTIQNSMKPFKDMDYSRII
ERLLKLAVPNHLIWLIFFYWLFHSCLNAVAELMQFGDREFYRDWWNSESVTYFWQNWNIPVHKWCIRHFYKPMLRRGSSK
WMARTGVFLASAFFHEYLVSVPLRMFRLWAFTGMMAQIPLAWFVGRFFQGNYGNAAVWLSLIIGQPIAVLMYVHDYYVLN
YEAPAAEA
;
_entity_poly.pdbx_strand_id   A,B
#
# COMPACT_ATOMS: atom_id res chain seq x y z
N TRP A 64 31.10 -12.15 -30.47
CA TRP A 64 30.17 -11.05 -30.26
C TRP A 64 29.60 -11.09 -28.84
N GLU A 65 29.10 -9.95 -28.37
CA GLU A 65 28.54 -9.83 -27.03
C GLU A 65 27.18 -9.16 -27.11
N LEU A 66 26.17 -9.82 -26.55
CA LEU A 66 24.82 -9.27 -26.41
C LEU A 66 24.52 -9.18 -24.92
N ARG A 67 24.42 -7.95 -24.41
CA ARG A 67 24.44 -7.74 -22.97
C ARG A 67 23.10 -8.07 -22.33
N CYS A 68 23.18 -8.54 -21.09
CA CYS A 68 21.99 -8.87 -20.31
C CYS A 68 21.69 -7.85 -19.23
N HIS A 69 22.58 -6.90 -18.98
CA HIS A 69 22.35 -5.86 -17.98
C HIS A 69 22.00 -4.58 -18.72
N ARG A 70 20.74 -4.16 -18.62
CA ARG A 70 20.32 -2.88 -19.17
C ARG A 70 20.70 -1.78 -18.20
N LEU A 71 20.18 -0.58 -18.42
CA LEU A 71 20.50 0.59 -17.60
C LEU A 71 19.19 1.13 -17.06
N GLN A 72 18.77 0.64 -15.90
CA GLN A 72 17.44 0.91 -15.39
C GLN A 72 17.45 1.30 -13.92
N ASP A 73 16.28 1.29 -13.29
CA ASP A 73 16.13 1.74 -11.90
C ASP A 73 15.30 0.75 -11.12
N SER A 74 15.50 0.77 -9.81
CA SER A 74 14.74 -0.08 -8.92
C SER A 74 13.28 0.33 -8.93
N LEU A 75 12.40 -0.65 -8.78
CA LEU A 75 10.97 -0.37 -8.92
C LEU A 75 10.47 0.56 -7.83
N PHE A 76 11.05 0.53 -6.65
CA PHE A 76 10.60 1.45 -5.61
C PHE A 76 11.18 2.84 -5.76
N SER A 77 12.14 3.03 -6.64
CA SER A 77 12.85 4.30 -6.66
C SER A 77 11.98 5.41 -7.21
N SER A 78 12.34 6.64 -6.83
CA SER A 78 11.50 7.79 -7.11
C SER A 78 11.36 8.00 -8.62
N ASP A 79 12.46 7.82 -9.36
CA ASP A 79 12.52 8.12 -10.77
C ASP A 79 12.41 6.86 -11.64
N SER A 80 11.62 5.88 -11.21
CA SER A 80 11.41 4.71 -12.02
C SER A 80 10.07 4.72 -12.73
N GLY A 81 9.09 5.43 -12.18
CA GLY A 81 7.77 5.48 -12.75
C GLY A 81 7.19 4.10 -12.93
N PHE A 82 6.99 3.38 -11.83
CA PHE A 82 6.41 2.05 -11.93
C PHE A 82 4.90 2.09 -11.72
N SER A 83 4.47 2.44 -10.51
CA SER A 83 3.06 2.62 -10.20
C SER A 83 2.23 1.40 -10.62
N ASN A 84 2.48 0.28 -9.97
CA ASN A 84 1.66 -0.92 -10.14
C ASN A 84 1.53 -1.65 -8.81
N TYR A 85 1.22 -0.92 -7.75
CA TYR A 85 1.27 -1.49 -6.41
C TYR A 85 -0.05 -2.09 -5.96
N ARG A 86 -0.86 -2.59 -6.89
CA ARG A 86 -2.04 -3.34 -6.49
C ARG A 86 -1.61 -4.66 -5.89
N GLY A 87 -1.48 -4.71 -4.58
CA GLY A 87 -0.87 -5.86 -3.95
C GLY A 87 -0.17 -5.40 -2.69
N ILE A 88 0.14 -4.11 -2.61
CA ILE A 88 0.25 -3.52 -1.29
C ILE A 88 -1.13 -3.41 -0.70
N LEU A 89 -2.15 -3.22 -1.54
CA LEU A 89 -3.51 -3.10 -1.07
C LEU A 89 -4.03 -4.44 -0.55
N ASN A 90 -3.81 -5.52 -1.30
CA ASN A 90 -4.22 -6.83 -0.83
C ASN A 90 -3.46 -7.24 0.42
N TRP A 91 -2.24 -6.73 0.60
CA TRP A 91 -1.56 -6.96 1.87
C TRP A 91 -2.32 -6.30 3.01
N CYS A 92 -2.80 -5.08 2.81
CA CYS A 92 -3.62 -4.44 3.82
C CYS A 92 -4.83 -5.30 4.16
N VAL A 93 -5.55 -5.75 3.15
CA VAL A 93 -6.75 -6.54 3.39
C VAL A 93 -6.41 -7.81 4.14
N VAL A 94 -5.35 -8.51 3.70
CA VAL A 94 -5.01 -9.78 4.32
C VAL A 94 -4.60 -9.59 5.76
N MET A 95 -3.86 -8.52 6.05
CA MET A 95 -3.44 -8.31 7.44
C MET A 95 -4.62 -7.94 8.31
N LEU A 96 -5.47 -7.02 7.85
CA LEU A 96 -6.65 -6.66 8.63
C LEU A 96 -7.49 -7.89 8.92
N ILE A 97 -7.65 -8.76 7.92
CA ILE A 97 -8.48 -9.95 8.10
C ILE A 97 -7.84 -10.92 9.06
N LEU A 98 -6.53 -11.16 8.93
CA LEU A 98 -5.89 -12.08 9.86
C LEU A 98 -5.93 -11.55 11.29
N SER A 99 -5.95 -10.24 11.46
CA SER A 99 -5.94 -9.71 12.82
C SER A 99 -7.31 -9.56 13.43
N ASN A 100 -8.36 -9.42 12.63
CA ASN A 100 -9.71 -9.24 13.18
C ASN A 100 -10.69 -10.35 12.80
N ALA A 101 -10.23 -11.44 12.20
CA ALA A 101 -11.13 -12.48 11.72
C ALA A 101 -11.47 -13.50 12.77
N ARG A 102 -11.29 -13.17 14.05
CA ARG A 102 -11.98 -13.89 15.10
C ARG A 102 -12.91 -12.97 15.88
N LEU A 103 -12.45 -11.76 16.20
CA LEU A 103 -13.31 -10.80 16.84
C LEU A 103 -14.51 -10.47 15.95
N PHE A 104 -14.32 -10.48 14.63
CA PHE A 104 -15.45 -10.18 13.75
C PHE A 104 -16.43 -11.34 13.70
N LEU A 105 -15.93 -12.58 13.65
CA LEU A 105 -16.83 -13.71 13.66
C LEU A 105 -17.53 -13.90 14.99
N GLU A 106 -16.97 -13.36 16.08
CA GLU A 106 -17.67 -13.41 17.36
C GLU A 106 -18.68 -12.28 17.48
N ASN A 107 -18.34 -11.08 16.97
CA ASN A 107 -19.25 -9.96 17.06
C ASN A 107 -20.42 -10.11 16.11
N LEU A 108 -20.22 -10.75 14.97
CA LEU A 108 -21.31 -11.04 14.05
C LEU A 108 -22.25 -12.11 14.58
N ILE A 109 -21.90 -12.75 15.70
CA ILE A 109 -22.81 -13.70 16.33
C ILE A 109 -23.48 -13.02 17.52
N LYS A 110 -22.67 -12.47 18.43
CA LYS A 110 -23.23 -11.79 19.59
C LYS A 110 -24.12 -10.62 19.21
N TYR A 111 -23.94 -10.05 18.01
CA TYR A 111 -24.85 -9.03 17.50
C TYR A 111 -25.58 -9.49 16.24
N GLY A 112 -25.53 -10.78 15.93
CA GLY A 112 -26.12 -11.27 14.70
C GLY A 112 -27.55 -11.76 14.87
N ILE A 113 -27.95 -11.96 16.13
CA ILE A 113 -29.31 -12.36 16.46
C ILE A 113 -29.91 -11.51 17.56
N LEU A 114 -29.16 -10.55 18.11
CA LEU A 114 -29.61 -9.71 19.20
C LEU A 114 -29.72 -8.26 18.76
N VAL A 115 -30.28 -8.03 17.57
CA VAL A 115 -30.53 -6.69 17.05
C VAL A 115 -31.95 -6.51 16.53
N ASP A 116 -32.80 -7.56 16.58
CA ASP A 116 -34.21 -7.60 16.17
C ASP A 116 -34.50 -6.68 14.98
N PRO A 117 -33.94 -6.96 13.80
CA PRO A 117 -34.05 -6.00 12.69
C PRO A 117 -35.46 -5.87 12.11
N ILE A 118 -36.44 -6.51 12.71
CA ILE A 118 -37.83 -6.34 12.30
C ILE A 118 -38.72 -5.78 13.41
N GLN A 119 -38.30 -5.85 14.67
CA GLN A 119 -39.09 -5.32 15.77
C GLN A 119 -38.86 -3.83 15.96
N VAL A 120 -37.74 -3.29 15.49
CA VAL A 120 -37.47 -1.87 15.70
C VAL A 120 -38.36 -1.01 14.81
N VAL A 121 -38.70 -1.48 13.61
CA VAL A 121 -39.63 -0.71 12.80
C VAL A 121 -41.00 -0.69 13.42
N SER A 122 -41.40 -1.80 14.07
CA SER A 122 -42.68 -1.80 14.78
C SER A 122 -42.65 -0.93 16.02
N LEU A 123 -41.50 -0.86 16.70
CA LEU A 123 -41.38 0.04 17.83
C LEU A 123 -41.37 1.50 17.39
N PHE A 124 -40.90 1.78 16.17
CA PHE A 124 -41.00 3.14 15.65
C PHE A 124 -42.43 3.45 15.24
N LEU A 125 -43.13 2.48 14.66
CA LEU A 125 -44.55 2.65 14.38
C LEU A 125 -45.35 2.82 15.66
N LYS A 126 -44.87 2.25 16.77
CA LYS A 126 -45.53 2.43 18.05
C LYS A 126 -45.50 3.87 18.51
N ASP A 127 -44.53 4.66 18.06
CA ASP A 127 -44.52 6.08 18.36
C ASP A 127 -43.71 6.84 17.33
N PRO A 128 -44.34 7.71 16.57
CA PRO A 128 -43.61 8.46 15.53
C PRO A 128 -42.90 9.68 16.06
N TYR A 129 -43.45 10.30 17.11
CA TYR A 129 -42.86 11.54 17.61
C TYR A 129 -41.61 11.28 18.44
N SER A 130 -41.55 10.16 19.15
CA SER A 130 -40.27 9.66 19.59
C SER A 130 -39.50 9.18 18.37
N TRP A 131 -38.18 9.08 18.52
CA TRP A 131 -37.31 8.88 17.37
C TRP A 131 -37.60 9.93 16.31
N PRO A 132 -37.25 11.20 16.54
CA PRO A 132 -37.53 12.22 15.54
C PRO A 132 -36.62 12.17 14.34
N ALA A 133 -35.49 11.47 14.41
CA ALA A 133 -34.58 11.46 13.26
C ALA A 133 -35.20 10.75 12.06
N PRO A 134 -35.69 9.51 12.17
CA PRO A 134 -36.40 8.93 11.02
C PRO A 134 -37.63 9.72 10.66
N CYS A 135 -38.24 10.42 11.61
CA CYS A 135 -39.35 11.30 11.28
C CYS A 135 -38.90 12.36 10.27
N LEU A 136 -37.76 13.01 10.53
CA LEU A 136 -37.26 14.00 9.59
C LEU A 136 -36.88 13.37 8.26
N VAL A 137 -36.25 12.19 8.30
CA VAL A 137 -35.83 11.56 7.05
C VAL A 137 -37.05 11.27 6.18
N ILE A 138 -38.12 10.76 6.77
CA ILE A 138 -39.32 10.53 5.98
C ILE A 138 -40.00 11.84 5.61
N ALA A 139 -39.85 12.88 6.43
CA ALA A 139 -40.44 14.15 6.10
C ALA A 139 -39.79 14.78 4.88
N ALA A 140 -38.53 14.43 4.60
CA ALA A 140 -37.87 14.96 3.41
C ALA A 140 -38.67 14.74 2.14
N ASN A 141 -39.55 13.76 2.12
CA ASN A 141 -40.35 13.52 0.92
C ASN A 141 -41.29 14.67 0.64
N VAL A 142 -41.62 15.50 1.63
CA VAL A 142 -42.46 16.66 1.34
C VAL A 142 -41.78 17.57 0.32
N PHE A 143 -40.50 17.86 0.54
CA PHE A 143 -39.78 18.68 -0.43
C PHE A 143 -39.49 17.89 -1.70
N ALA A 144 -39.12 16.62 -1.56
CA ALA A 144 -38.84 15.82 -2.74
C ALA A 144 -40.04 15.61 -3.62
N VAL A 145 -41.24 15.91 -3.12
CA VAL A 145 -42.44 15.89 -3.94
C VAL A 145 -42.88 17.29 -4.37
N ALA A 146 -42.68 18.30 -3.53
CA ALA A 146 -43.00 19.66 -3.96
C ALA A 146 -42.18 20.07 -5.17
N ALA A 147 -40.90 19.69 -5.20
CA ALA A 147 -40.08 20.05 -6.36
C ALA A 147 -40.57 19.35 -7.62
N PHE A 148 -40.91 18.07 -7.50
CA PHE A 148 -41.45 17.35 -8.65
C PHE A 148 -42.77 17.96 -9.09
N GLN A 149 -43.55 18.49 -8.16
CA GLN A 149 -44.82 19.10 -8.52
C GLN A 149 -44.60 20.42 -9.26
N VAL A 150 -43.62 21.21 -8.83
CA VAL A 150 -43.28 22.41 -9.59
C VAL A 150 -42.85 22.01 -11.00
N GLU A 151 -42.06 20.96 -11.13
CA GLU A 151 -41.60 20.56 -12.45
C GLU A 151 -42.77 20.12 -13.33
N LYS A 152 -43.65 19.29 -12.80
CA LYS A 152 -44.82 18.88 -13.57
C LYS A 152 -45.70 20.08 -13.89
N ARG A 153 -45.73 21.09 -13.02
CA ARG A 153 -46.53 22.28 -13.30
C ARG A 153 -45.99 23.03 -14.49
N LEU A 154 -44.76 23.50 -14.41
CA LEU A 154 -44.20 24.23 -15.54
C LEU A 154 -43.74 23.32 -16.66
N ALA A 155 -43.99 22.01 -16.56
CA ALA A 155 -43.64 21.11 -17.65
C ALA A 155 -44.43 21.46 -18.90
N VAL A 156 -45.69 21.85 -18.75
CA VAL A 156 -46.52 22.07 -19.91
C VAL A 156 -46.88 23.54 -20.10
N GLY A 157 -47.70 24.11 -19.22
CA GLY A 157 -48.09 25.48 -19.45
C GLY A 157 -48.18 26.39 -18.25
N ALA A 158 -48.21 25.83 -17.06
CA ALA A 158 -48.43 26.66 -15.88
C ALA A 158 -47.10 27.21 -15.39
N LEU A 159 -47.18 28.16 -14.45
CA LEU A 159 -46.04 28.55 -13.64
C LEU A 159 -44.88 29.02 -14.52
N THR A 160 -45.09 30.15 -15.18
CA THR A 160 -44.05 30.79 -15.98
C THR A 160 -42.73 30.81 -15.22
N GLU A 161 -41.63 30.73 -15.98
CA GLU A 161 -40.31 30.43 -15.42
C GLU A 161 -39.98 31.25 -14.18
N GLN A 162 -40.51 32.47 -14.09
CA GLN A 162 -40.24 33.29 -12.91
C GLN A 162 -40.81 32.64 -11.66
N ALA A 163 -42.10 32.31 -11.69
CA ALA A 163 -42.74 31.71 -10.53
C ALA A 163 -42.15 30.34 -10.22
N GLY A 164 -41.90 29.54 -11.26
CA GLY A 164 -41.29 28.25 -11.03
C GLY A 164 -39.93 28.35 -10.37
N LEU A 165 -39.11 29.30 -10.82
CA LEU A 165 -37.80 29.49 -10.24
C LEU A 165 -37.89 29.97 -8.81
N LEU A 166 -38.80 30.89 -8.53
CA LEU A 166 -38.92 31.35 -7.14
C LEU A 166 -39.43 30.24 -6.23
N LEU A 167 -40.34 29.40 -6.73
CA LEU A 167 -40.80 28.28 -5.92
C LEU A 167 -39.68 27.29 -5.67
N HIS A 168 -38.85 27.02 -6.69
CA HIS A 168 -37.70 26.17 -6.48
C HIS A 168 -36.74 26.75 -5.47
N VAL A 169 -36.50 28.06 -5.53
CA VAL A 169 -35.59 28.67 -4.56
C VAL A 169 -36.15 28.53 -3.15
N ALA A 170 -37.45 28.78 -2.99
CA ALA A 170 -38.06 28.67 -1.66
C ALA A 170 -37.98 27.24 -1.14
N ASN A 171 -38.30 26.26 -1.98
CA ASN A 171 -38.25 24.88 -1.55
C ASN A 171 -36.81 24.45 -1.22
N LEU A 172 -35.84 24.85 -2.04
CA LEU A 172 -34.46 24.50 -1.76
C LEU A 172 -33.97 25.15 -0.48
N ALA A 173 -34.44 26.36 -0.19
CA ALA A 173 -34.03 27.01 1.06
C ALA A 173 -34.65 26.31 2.25
N THR A 174 -35.91 25.87 2.13
CA THR A 174 -36.52 25.21 3.27
C THR A 174 -35.96 23.81 3.50
N ILE A 175 -35.45 23.14 2.45
CA ILE A 175 -34.76 21.87 2.66
C ILE A 175 -33.60 22.03 3.63
N LEU A 176 -32.89 23.16 3.54
CA LEU A 176 -31.78 23.37 4.45
C LEU A 176 -32.26 23.90 5.80
N CYS A 177 -33.18 24.86 5.79
CA CYS A 177 -33.55 25.56 7.01
C CYS A 177 -34.50 24.78 7.89
N PHE A 178 -35.13 23.73 7.41
CA PHE A 178 -36.09 23.03 8.24
C PHE A 178 -35.41 22.11 9.25
N PRO A 179 -34.52 21.20 8.84
CA PRO A 179 -33.83 20.37 9.83
C PRO A 179 -32.86 21.14 10.68
N ALA A 180 -32.18 22.14 10.12
CA ALA A 180 -31.32 22.98 10.94
C ALA A 180 -32.09 23.68 12.04
N ALA A 181 -33.41 23.71 11.98
CA ALA A 181 -34.24 24.19 13.07
C ALA A 181 -34.78 23.06 13.93
N VAL A 182 -35.24 21.97 13.32
CA VAL A 182 -35.82 20.89 14.10
C VAL A 182 -34.78 20.27 15.03
N VAL A 183 -33.60 19.93 14.49
CA VAL A 183 -32.61 19.28 15.32
C VAL A 183 -32.06 20.21 16.40
N LEU A 184 -32.18 21.52 16.23
CA LEU A 184 -31.71 22.42 17.27
C LEU A 184 -32.74 22.55 18.39
N LEU A 185 -33.98 22.86 18.03
CA LEU A 185 -35.00 23.07 19.05
C LEU A 185 -35.38 21.75 19.73
N VAL A 186 -35.77 20.75 18.94
CA VAL A 186 -36.19 19.48 19.53
C VAL A 186 -35.04 18.89 20.31
N GLU A 187 -35.32 18.50 21.56
CA GLU A 187 -34.27 18.11 22.50
C GLU A 187 -33.94 16.63 22.45
N SER A 188 -34.92 15.78 22.18
CA SER A 188 -34.78 14.33 22.28
C SER A 188 -33.96 13.72 21.19
N ILE A 189 -33.26 14.50 20.38
CA ILE A 189 -32.56 13.98 19.20
C ILE A 189 -31.10 13.75 19.56
N THR A 190 -30.53 12.71 19.00
CA THR A 190 -29.17 12.24 19.26
C THR A 190 -28.22 12.78 18.20
N PRO A 191 -26.94 12.96 18.54
CA PRO A 191 -26.01 13.56 17.56
C PRO A 191 -25.79 12.71 16.34
N VAL A 192 -25.54 11.41 16.51
CA VAL A 192 -25.38 10.54 15.33
C VAL A 192 -26.72 10.21 14.70
N GLY A 193 -27.81 10.72 15.25
CA GLY A 193 -29.10 10.60 14.61
C GLY A 193 -29.49 11.91 13.98
N SER A 194 -28.93 13.01 14.47
CA SER A 194 -29.10 14.28 13.81
C SER A 194 -28.24 14.37 12.57
N LEU A 195 -27.05 13.76 12.61
CA LEU A 195 -26.21 13.74 11.43
C LEU A 195 -26.84 12.93 10.30
N LEU A 196 -27.56 11.87 10.62
CA LEU A 196 -28.20 11.09 9.57
C LEU A 196 -29.47 11.74 9.06
N ALA A 197 -29.84 12.90 9.57
CA ALA A 197 -30.88 13.70 8.94
C ALA A 197 -30.29 14.88 8.18
N LEU A 198 -29.20 15.44 8.66
CA LEU A 198 -28.56 16.51 7.91
C LEU A 198 -27.82 15.99 6.70
N MET A 199 -27.10 14.87 6.82
CA MET A 199 -26.46 14.29 5.65
C MET A 199 -27.45 13.71 4.67
N ALA A 200 -28.74 13.76 4.97
CA ALA A 200 -29.77 13.43 4.01
C ALA A 200 -30.41 14.68 3.42
N HIS A 201 -30.62 15.70 4.23
CA HIS A 201 -31.21 16.94 3.74
C HIS A 201 -30.21 17.84 3.04
N THR A 202 -28.93 17.51 3.03
CA THR A 202 -28.02 18.17 2.11
C THR A 202 -27.85 17.40 0.81
N ILE A 203 -27.83 16.08 0.88
CA ILE A 203 -27.83 15.29 -0.34
C ILE A 203 -29.09 15.54 -1.14
N LEU A 204 -30.24 15.62 -0.46
CA LEU A 204 -31.48 15.90 -1.16
C LEU A 204 -31.47 17.30 -1.76
N PHE A 205 -30.89 18.26 -1.05
CA PHE A 205 -30.79 19.60 -1.62
C PHE A 205 -29.91 19.63 -2.85
N LEU A 206 -28.73 19.01 -2.76
CA LEU A 206 -27.81 19.00 -3.90
C LEU A 206 -28.42 18.25 -5.07
N LYS A 207 -29.23 17.24 -4.81
CA LYS A 207 -29.85 16.51 -5.91
C LYS A 207 -30.98 17.32 -6.53
N LEU A 208 -31.77 18.01 -5.72
CA LEU A 208 -32.88 18.77 -6.27
C LEU A 208 -32.40 20.01 -7.00
N PHE A 209 -31.25 20.56 -6.63
CA PHE A 209 -30.66 21.62 -7.42
C PHE A 209 -30.48 21.17 -8.86
N SER A 210 -29.78 20.05 -9.07
CA SER A 210 -29.54 19.61 -10.43
C SER A 210 -30.82 19.10 -11.08
N TYR A 211 -31.75 18.55 -10.30
CA TYR A 211 -33.02 18.16 -10.87
C TYR A 211 -33.76 19.36 -11.42
N ARG A 212 -33.60 20.52 -10.80
CA ARG A 212 -34.10 21.74 -11.39
C ARG A 212 -33.35 22.08 -12.65
N ASP A 213 -32.01 22.06 -12.58
CA ASP A 213 -31.20 22.65 -13.64
C ASP A 213 -31.29 21.85 -14.93
N VAL A 214 -31.15 20.53 -14.85
CA VAL A 214 -31.21 19.69 -16.03
C VAL A 214 -32.55 19.86 -16.72
N ASN A 215 -33.63 19.83 -15.96
CA ASN A 215 -34.95 19.94 -16.56
C ASN A 215 -35.15 21.32 -17.16
N SER A 216 -34.69 22.37 -16.50
CA SER A 216 -34.84 23.70 -17.09
C SER A 216 -34.06 23.82 -18.39
N TRP A 217 -32.85 23.26 -18.43
CA TRP A 217 -32.04 23.33 -19.64
C TRP A 217 -32.70 22.55 -20.78
N CYS A 218 -33.16 21.34 -20.50
CA CYS A 218 -33.82 20.56 -21.54
C CYS A 218 -35.14 21.19 -21.98
N ARG A 219 -35.85 21.84 -21.06
CA ARG A 219 -37.12 22.45 -21.39
C ARG A 219 -36.92 23.69 -22.25
N ARG A 220 -35.92 24.51 -21.92
CA ARG A 220 -35.58 25.61 -22.81
C ARG A 220 -35.15 25.10 -24.17
N ALA A 221 -34.45 23.96 -24.20
CA ALA A 221 -34.04 23.39 -25.47
C ALA A 221 -35.26 22.97 -26.29
N ARG A 222 -36.27 22.39 -25.65
CA ARG A 222 -37.48 22.04 -26.38
C ARG A 222 -38.24 23.27 -26.83
N ALA A 223 -38.25 24.31 -26.00
CA ALA A 223 -38.87 25.56 -26.41
C ALA A 223 -38.21 26.13 -27.66
N LYS A 224 -36.88 26.03 -27.74
CA LYS A 224 -36.20 26.54 -28.92
C LYS A 224 -36.39 25.62 -30.12
N ALA A 225 -36.35 24.31 -29.90
CA ALA A 225 -36.61 23.36 -30.99
C ALA A 225 -38.05 23.48 -31.48
N ALA A 226 -38.93 24.10 -30.71
CA ALA A 226 -40.26 24.43 -31.23
C ALA A 226 -40.22 25.54 -32.27
N SER A 227 -39.04 26.08 -32.60
CA SER A 227 -38.88 27.04 -33.68
C SER A 227 -38.49 26.37 -34.99
N ALA A 228 -38.85 25.09 -35.15
CA ALA A 228 -38.56 24.36 -36.37
C ALA A 228 -39.52 23.18 -36.51
N ALA A 236 -33.15 7.14 -30.84
CA ALA A 236 -34.53 7.39 -30.45
C ALA A 236 -35.16 6.10 -29.94
N ALA A 237 -34.98 5.03 -30.70
CA ALA A 237 -35.56 3.75 -30.32
C ALA A 237 -35.03 3.19 -29.01
N PRO A 238 -33.71 3.20 -28.71
CA PRO A 238 -33.24 2.52 -27.50
C PRO A 238 -33.66 3.20 -26.22
N HIS A 239 -34.96 3.43 -26.05
CA HIS A 239 -35.55 3.92 -24.81
C HIS A 239 -34.86 5.17 -24.29
N THR A 240 -34.21 5.93 -25.16
CA THR A 240 -33.60 7.18 -24.76
C THR A 240 -34.71 8.18 -24.46
N VAL A 241 -35.02 8.33 -23.17
CA VAL A 241 -36.18 9.13 -22.77
C VAL A 241 -35.97 10.57 -23.16
N SER A 242 -36.94 11.13 -23.87
CA SER A 242 -36.90 12.52 -24.28
C SER A 242 -37.25 13.40 -23.08
N TYR A 243 -37.46 14.69 -23.30
CA TYR A 243 -37.63 15.57 -22.16
C TYR A 243 -38.91 15.27 -21.38
N PRO A 244 -40.11 15.47 -21.92
CA PRO A 244 -41.28 15.46 -21.04
C PRO A 244 -41.58 14.11 -20.45
N ASP A 245 -41.14 13.03 -21.07
CA ASP A 245 -41.46 11.69 -20.61
C ASP A 245 -40.60 11.24 -19.44
N ASN A 246 -39.73 12.10 -18.93
CA ASN A 246 -38.89 11.74 -17.79
C ASN A 246 -39.40 12.34 -16.50
N LEU A 247 -40.59 12.92 -16.50
CA LEU A 247 -41.15 13.59 -15.33
C LEU A 247 -42.13 12.71 -14.59
N THR A 248 -41.84 11.42 -14.50
CA THR A 248 -42.67 10.50 -13.73
C THR A 248 -42.06 10.30 -12.35
N TYR A 249 -42.91 9.86 -11.42
CA TYR A 249 -42.47 9.69 -10.03
C TYR A 249 -41.40 8.62 -9.92
N ARG A 250 -41.53 7.56 -10.71
CA ARG A 250 -40.62 6.43 -10.59
C ARG A 250 -39.18 6.86 -10.79
N ASP A 251 -38.90 7.61 -11.86
CA ASP A 251 -37.52 7.97 -12.11
C ASP A 251 -37.04 9.08 -11.20
N LEU A 252 -37.93 9.94 -10.70
CA LEU A 252 -37.52 10.89 -9.67
C LEU A 252 -37.01 10.16 -8.44
N TYR A 253 -37.79 9.19 -7.95
CA TYR A 253 -37.34 8.41 -6.80
C TYR A 253 -36.07 7.64 -7.12
N TYR A 254 -35.98 7.04 -8.31
CA TYR A 254 -34.75 6.37 -8.66
C TYR A 254 -33.58 7.32 -8.68
N PHE A 255 -33.81 8.57 -9.03
CA PHE A 255 -32.74 9.55 -8.96
C PHE A 255 -32.33 9.78 -7.53
N LEU A 256 -33.31 9.96 -6.64
CA LEU A 256 -32.97 10.35 -5.27
C LEU A 256 -32.10 9.30 -4.59
N PHE A 257 -32.40 8.02 -4.80
CA PHE A 257 -31.60 6.96 -4.20
C PHE A 257 -30.35 6.64 -4.98
N ALA A 258 -30.21 7.14 -6.20
CA ALA A 258 -29.04 6.83 -6.99
C ALA A 258 -27.81 7.50 -6.40
N PRO A 259 -26.66 6.85 -6.43
CA PRO A 259 -25.45 7.40 -5.83
C PRO A 259 -24.78 8.45 -6.71
N THR A 260 -25.50 9.52 -7.01
CA THR A 260 -24.92 10.63 -7.75
C THR A 260 -25.71 11.88 -7.44
N LEU A 261 -25.05 13.02 -7.58
CA LEU A 261 -25.67 14.30 -7.30
C LEU A 261 -25.98 15.10 -8.56
N CYS A 262 -25.72 14.56 -9.74
CA CYS A 262 -25.91 15.29 -10.98
C CYS A 262 -26.96 14.54 -11.78
N TYR A 263 -28.16 15.13 -11.89
CA TYR A 263 -29.25 14.49 -12.60
C TYR A 263 -28.93 14.33 -14.07
N GLU A 264 -29.58 13.36 -14.70
CA GLU A 264 -29.40 13.11 -16.12
C GLU A 264 -30.48 12.18 -16.61
N LEU A 265 -31.16 12.53 -17.69
CA LEU A 265 -32.14 11.62 -18.25
C LEU A 265 -31.46 10.35 -18.71
N ASN A 266 -32.17 9.23 -18.58
CA ASN A 266 -31.68 7.91 -18.95
C ASN A 266 -30.25 7.65 -18.48
N PHE A 267 -30.06 7.52 -17.16
CA PHE A 267 -28.83 7.09 -16.54
C PHE A 267 -28.29 5.82 -17.20
N PRO A 268 -27.00 5.54 -17.12
CA PRO A 268 -26.50 4.23 -17.53
C PRO A 268 -27.06 3.15 -16.64
N ARG A 269 -26.87 1.90 -17.05
CA ARG A 269 -27.41 0.77 -16.32
C ARG A 269 -26.43 -0.40 -16.35
N SER A 270 -26.48 -1.17 -15.38
CA SER A 270 -25.66 -2.36 -15.42
C SER A 270 -26.51 -3.59 -15.73
N PRO A 271 -25.92 -4.60 -16.36
CA PRO A 271 -26.73 -5.75 -16.78
C PRO A 271 -27.48 -6.47 -15.66
N ARG A 272 -26.80 -6.86 -14.59
CA ARG A 272 -27.46 -7.68 -13.58
C ARG A 272 -27.11 -7.15 -12.19
N ILE A 273 -27.48 -7.93 -11.17
CA ILE A 273 -27.36 -7.49 -9.79
C ILE A 273 -26.10 -8.04 -9.15
N ARG A 274 -25.65 -9.22 -9.59
CA ARG A 274 -24.39 -9.80 -9.13
C ARG A 274 -24.39 -10.01 -7.61
N LYS A 275 -25.20 -10.97 -7.17
CA LYS A 275 -25.33 -11.26 -5.75
C LYS A 275 -23.97 -11.38 -5.06
N ARG A 276 -22.98 -11.97 -5.74
CA ARG A 276 -21.65 -12.10 -5.14
C ARG A 276 -21.09 -10.75 -4.75
N PHE A 277 -21.11 -9.80 -5.68
CA PHE A 277 -20.55 -8.48 -5.44
C PHE A 277 -21.27 -7.76 -4.32
N LEU A 278 -22.60 -7.86 -4.31
CA LEU A 278 -23.37 -7.23 -3.24
C LEU A 278 -23.01 -7.83 -1.89
N LEU A 279 -22.83 -9.15 -1.83
CA LEU A 279 -22.45 -9.78 -0.58
C LEU A 279 -21.08 -9.32 -0.11
N ARG A 280 -20.13 -9.23 -1.04
CA ARG A 280 -18.79 -8.80 -0.66
C ARG A 280 -18.82 -7.37 -0.14
N ARG A 281 -19.61 -6.50 -0.76
CA ARG A 281 -19.68 -5.13 -0.26
C ARG A 281 -20.34 -5.07 1.11
N ILE A 282 -21.38 -5.87 1.33
CA ILE A 282 -22.01 -5.87 2.65
C ILE A 282 -21.04 -6.37 3.69
N LEU A 283 -20.25 -7.38 3.37
CA LEU A 283 -19.27 -7.86 4.33
C LEU A 283 -18.18 -6.81 4.58
N GLU A 284 -17.80 -6.05 3.55
CA GLU A 284 -16.85 -4.96 3.78
C GLU A 284 -17.41 -3.93 4.74
N MET A 285 -18.68 -3.58 4.59
CA MET A 285 -19.29 -2.62 5.51
C MET A 285 -19.31 -3.18 6.93
N LEU A 286 -19.81 -4.40 7.08
CA LEU A 286 -19.92 -5.00 8.41
C LEU A 286 -18.56 -5.26 9.03
N PHE A 287 -17.51 -5.36 8.23
CA PHE A 287 -16.19 -5.54 8.80
C PHE A 287 -15.56 -4.21 9.19
N PHE A 288 -15.69 -3.21 8.34
CA PHE A 288 -15.00 -1.97 8.61
C PHE A 288 -15.68 -1.16 9.71
N THR A 289 -17.01 -1.21 9.81
CA THR A 289 -17.63 -0.54 10.95
C THR A 289 -17.21 -1.19 12.25
N GLN A 290 -17.14 -2.52 12.28
CA GLN A 290 -16.67 -3.20 13.48
C GLN A 290 -15.22 -2.86 13.78
N LEU A 291 -14.40 -2.76 12.74
CA LEU A 291 -12.99 -2.41 12.93
C LEU A 291 -12.85 -1.03 13.54
N GLN A 292 -13.56 -0.05 13.02
CA GLN A 292 -13.38 1.30 13.56
C GLN A 292 -14.13 1.50 14.87
N VAL A 293 -15.12 0.68 15.19
CA VAL A 293 -15.63 0.69 16.56
C VAL A 293 -14.57 0.16 17.52
N GLY A 294 -13.88 -0.91 17.13
CA GLY A 294 -12.73 -1.33 17.90
C GLY A 294 -11.72 -0.21 18.07
N LEU A 295 -11.44 0.52 16.99
CA LEU A 295 -10.52 1.64 17.05
C LEU A 295 -10.96 2.68 18.07
N ILE A 296 -12.19 3.17 17.93
CA ILE A 296 -12.69 4.22 18.81
C ILE A 296 -12.68 3.76 20.26
N GLN A 297 -13.05 2.51 20.51
CA GLN A 297 -13.16 2.04 21.90
C GLN A 297 -11.79 1.81 22.52
N GLN A 298 -10.91 1.10 21.84
CA GLN A 298 -9.64 0.73 22.44
C GLN A 298 -8.62 1.86 22.39
N TRP A 299 -8.40 2.42 21.21
CA TRP A 299 -7.25 3.30 21.00
C TRP A 299 -7.52 4.74 21.38
N MET A 300 -8.76 5.22 21.20
CA MET A 300 -9.00 6.66 21.27
C MET A 300 -9.82 7.11 22.47
N VAL A 301 -10.67 6.26 23.03
CA VAL A 301 -11.43 6.66 24.21
C VAL A 301 -10.52 6.64 25.43
N PRO A 302 -9.68 5.62 25.64
CA PRO A 302 -8.71 5.74 26.74
C PRO A 302 -7.84 6.97 26.67
N THR A 303 -7.30 7.28 25.50
CA THR A 303 -6.46 8.45 25.38
C THR A 303 -7.19 9.74 25.74
N ILE A 304 -8.50 9.77 25.48
CA ILE A 304 -9.28 10.96 25.80
C ILE A 304 -9.57 11.04 27.29
N GLN A 305 -10.06 9.94 27.87
CA GLN A 305 -10.45 9.98 29.28
C GLN A 305 -9.28 9.76 30.21
N ASN A 306 -8.06 9.72 29.70
CA ASN A 306 -6.90 9.96 30.55
C ASN A 306 -6.80 11.43 30.95
N SER A 307 -7.41 12.32 30.18
CA SER A 307 -7.46 13.74 30.52
C SER A 307 -8.76 14.29 29.95
N MET A 308 -9.81 14.30 30.78
CA MET A 308 -11.12 14.77 30.33
C MET A 308 -11.25 16.27 30.46
N LYS A 309 -10.29 17.01 29.91
CA LYS A 309 -10.33 18.47 29.93
C LYS A 309 -10.70 18.97 28.55
N PRO A 310 -11.84 19.63 28.39
CA PRO A 310 -12.31 19.97 27.05
C PRO A 310 -11.48 21.06 26.41
N PHE A 311 -11.35 20.97 25.08
CA PHE A 311 -10.52 21.91 24.34
C PHE A 311 -11.02 23.35 24.46
N LYS A 312 -12.25 23.55 24.91
CA LYS A 312 -12.81 24.90 24.90
C LYS A 312 -12.08 25.85 25.83
N ASP A 313 -11.36 25.33 26.82
CA ASP A 313 -10.62 26.17 27.75
C ASP A 313 -9.12 25.89 27.82
N MET A 314 -8.66 24.73 27.36
CA MET A 314 -7.25 24.42 27.39
C MET A 314 -6.46 25.39 26.52
N ASP A 315 -5.16 25.47 26.78
CA ASP A 315 -4.34 26.45 26.10
C ASP A 315 -3.75 25.88 24.81
N TYR A 316 -3.40 26.79 23.89
CA TYR A 316 -2.87 26.42 22.59
C TYR A 316 -1.56 25.66 22.69
N SER A 317 -1.04 25.50 23.90
CA SER A 317 0.13 24.65 24.13
C SER A 317 -0.24 23.27 24.62
N ARG A 318 -1.31 23.14 25.40
CA ARG A 318 -1.76 21.82 25.82
C ARG A 318 -2.59 21.14 24.75
N ILE A 319 -3.29 21.93 23.94
CA ILE A 319 -4.10 21.36 22.86
C ILE A 319 -3.26 20.45 21.98
N ILE A 320 -2.11 20.95 21.54
CA ILE A 320 -1.28 20.19 20.60
C ILE A 320 -0.67 18.98 21.28
N GLU A 321 -0.23 19.15 22.53
CA GLU A 321 0.28 18.02 23.30
C GLU A 321 -0.74 16.91 23.37
N ARG A 322 -2.02 17.26 23.52
CA ARG A 322 -3.05 16.24 23.59
C ARG A 322 -3.49 15.75 22.22
N LEU A 323 -3.32 16.56 21.18
CA LEU A 323 -3.74 16.16 19.85
C LEU A 323 -2.80 15.13 19.26
N LEU A 324 -1.49 15.33 19.41
CA LEU A 324 -0.55 14.35 18.88
C LEU A 324 -0.85 12.94 19.35
N LYS A 325 -1.51 12.78 20.49
CA LYS A 325 -1.88 11.45 20.95
C LYS A 325 -3.12 10.91 20.25
N LEU A 326 -3.74 11.68 19.36
CA LEU A 326 -4.92 11.24 18.64
C LEU A 326 -4.82 11.44 17.14
N ALA A 327 -3.82 12.16 16.65
CA ALA A 327 -3.78 12.48 15.22
C ALA A 327 -3.70 11.22 14.37
N VAL A 328 -3.08 10.16 14.86
CA VAL A 328 -2.98 8.94 14.05
C VAL A 328 -4.26 8.12 14.13
N PRO A 329 -4.81 7.81 15.31
CA PRO A 329 -6.06 7.03 15.33
C PRO A 329 -7.19 7.75 14.62
N ASN A 330 -7.24 9.07 14.74
CA ASN A 330 -8.23 9.84 14.01
C ASN A 330 -8.09 9.63 12.52
N HIS A 331 -6.87 9.79 12.00
CA HIS A 331 -6.63 9.59 10.57
C HIS A 331 -7.03 8.19 10.15
N LEU A 332 -6.79 7.20 10.99
CA LEU A 332 -7.14 5.84 10.61
C LEU A 332 -8.64 5.66 10.53
N ILE A 333 -9.39 6.21 11.48
CA ILE A 333 -10.84 6.06 11.36
C ILE A 333 -11.37 6.90 10.23
N TRP A 334 -10.68 7.96 9.81
CA TRP A 334 -11.16 8.70 8.65
C TRP A 334 -10.91 7.93 7.36
N LEU A 335 -9.76 7.28 7.24
CA LEU A 335 -9.53 6.41 6.09
C LEU A 335 -10.56 5.29 6.05
N ILE A 336 -10.91 4.74 7.21
CA ILE A 336 -11.91 3.68 7.23
C ILE A 336 -13.28 4.23 6.87
N PHE A 337 -13.61 5.44 7.31
CA PHE A 337 -14.85 6.07 6.86
C PHE A 337 -14.87 6.17 5.35
N PHE A 338 -13.78 6.63 4.75
CA PHE A 338 -13.77 6.74 3.29
C PHE A 338 -14.03 5.39 2.65
N TYR A 339 -13.25 4.38 3.01
CA TYR A 339 -13.44 3.13 2.28
C TYR A 339 -14.77 2.48 2.60
N TRP A 340 -15.32 2.71 3.80
CA TRP A 340 -16.60 2.11 4.13
C TRP A 340 -17.73 2.80 3.40
N LEU A 341 -17.58 4.09 3.13
CA LEU A 341 -18.68 4.91 2.62
C LEU A 341 -18.60 5.11 1.13
N PHE A 342 -17.49 5.69 0.65
CA PHE A 342 -17.34 6.04 -0.75
C PHE A 342 -17.06 4.85 -1.65
N HIS A 343 -16.72 3.70 -1.09
CA HIS A 343 -16.60 2.51 -1.92
C HIS A 343 -17.66 1.47 -1.58
N SER A 344 -17.69 0.98 -0.35
CA SER A 344 -18.52 -0.19 -0.06
C SER A 344 -20.00 0.16 -0.06
N CYS A 345 -20.39 1.17 0.70
CA CYS A 345 -21.82 1.51 0.78
C CYS A 345 -22.35 2.01 -0.54
N LEU A 346 -21.62 2.90 -1.20
CA LEU A 346 -22.09 3.42 -2.48
C LEU A 346 -22.09 2.36 -3.55
N ASN A 347 -21.19 1.38 -3.50
CA ASN A 347 -21.26 0.28 -4.45
C ASN A 347 -22.40 -0.67 -4.14
N ALA A 348 -22.73 -0.87 -2.87
CA ALA A 348 -23.92 -1.65 -2.55
C ALA A 348 -25.17 -0.99 -3.10
N VAL A 349 -25.32 0.31 -2.85
CA VAL A 349 -26.46 1.05 -3.40
C VAL A 349 -26.47 0.94 -4.92
N ALA A 350 -25.40 1.40 -5.57
CA ALA A 350 -25.31 1.37 -7.01
C ALA A 350 -25.42 -0.03 -7.58
N GLU A 351 -25.34 -1.06 -6.76
CA GLU A 351 -25.53 -2.42 -7.26
C GLU A 351 -26.98 -2.84 -7.18
N LEU A 352 -27.62 -2.63 -6.03
CA LEU A 352 -29.02 -2.95 -5.88
C LEU A 352 -29.86 -2.26 -6.95
N MET A 353 -29.86 -0.93 -6.94
CA MET A 353 -30.41 -0.18 -8.07
C MET A 353 -29.35 -0.18 -9.16
N GLN A 354 -29.55 -0.99 -10.19
CA GLN A 354 -28.52 -1.17 -11.20
C GLN A 354 -28.13 0.19 -11.74
N PHE A 355 -26.93 0.67 -11.42
CA PHE A 355 -26.58 2.03 -11.78
C PHE A 355 -25.48 2.07 -12.82
N GLY A 356 -24.33 1.47 -12.56
CA GLY A 356 -23.34 1.26 -13.58
C GLY A 356 -22.26 2.31 -13.66
N ASP A 357 -22.52 3.54 -13.23
CA ASP A 357 -21.47 4.55 -13.31
C ASP A 357 -20.32 4.23 -12.36
N ARG A 358 -20.58 4.24 -11.06
CA ARG A 358 -19.67 3.68 -10.07
C ARG A 358 -18.29 4.33 -10.06
N GLU A 359 -18.17 5.58 -10.52
CA GLU A 359 -16.93 6.31 -10.37
C GLU A 359 -17.13 7.34 -9.28
N PHE A 360 -16.93 6.93 -8.04
CA PHE A 360 -17.16 7.79 -6.89
C PHE A 360 -15.90 8.45 -6.36
N TYR A 361 -14.74 8.10 -6.89
CA TYR A 361 -13.49 8.69 -6.46
C TYR A 361 -12.43 8.37 -7.49
N ARG A 362 -11.58 9.34 -7.79
CA ARG A 362 -10.38 9.05 -8.55
C ARG A 362 -9.26 8.77 -7.56
N ASP A 363 -8.04 8.58 -8.05
CA ASP A 363 -6.93 8.22 -7.17
C ASP A 363 -6.48 9.45 -6.40
N TRP A 364 -7.19 9.74 -5.31
CA TRP A 364 -6.78 10.86 -4.48
C TRP A 364 -5.55 10.55 -3.66
N TRP A 365 -5.12 9.30 -3.58
CA TRP A 365 -4.00 8.98 -2.72
C TRP A 365 -2.69 9.46 -3.33
N ASN A 366 -2.42 9.08 -4.58
CA ASN A 366 -1.20 9.56 -5.25
C ASN A 366 -1.44 10.95 -5.82
N SER A 367 -1.78 11.87 -4.93
CA SER A 367 -2.10 13.24 -5.30
C SER A 367 -0.90 14.11 -4.99
N GLU A 368 -0.11 14.41 -6.01
CA GLU A 368 1.16 15.09 -5.77
C GLU A 368 0.99 16.47 -5.18
N SER A 369 -0.20 17.08 -5.31
CA SER A 369 -0.47 18.37 -4.71
C SER A 369 -1.89 18.39 -4.18
N VAL A 370 -2.10 19.20 -3.14
CA VAL A 370 -3.38 19.19 -2.43
C VAL A 370 -4.52 19.67 -3.31
N THR A 371 -4.25 20.60 -4.23
CA THR A 371 -5.31 21.02 -5.14
C THR A 371 -5.80 19.87 -5.98
N TYR A 372 -4.97 18.85 -6.22
CA TYR A 372 -5.42 17.68 -6.92
C TYR A 372 -6.15 16.72 -6.01
N PHE A 373 -5.86 16.74 -4.72
CA PHE A 373 -6.61 15.91 -3.80
C PHE A 373 -8.00 16.44 -3.59
N TRP A 374 -8.18 17.75 -3.67
CA TRP A 374 -9.50 18.32 -3.42
C TRP A 374 -10.50 17.98 -4.51
N GLN A 375 -10.06 17.46 -5.64
CA GLN A 375 -10.95 17.19 -6.76
C GLN A 375 -11.11 15.70 -7.06
N ASN A 376 -10.49 14.82 -6.29
CA ASN A 376 -10.50 13.42 -6.64
C ASN A 376 -11.03 12.50 -5.56
N TRP A 377 -11.12 12.95 -4.33
CA TRP A 377 -11.95 12.24 -3.38
C TRP A 377 -13.33 12.82 -3.53
N ASN A 378 -14.34 11.97 -3.44
CA ASN A 378 -15.72 12.43 -3.54
C ASN A 378 -15.93 13.11 -4.90
N ILE A 379 -15.82 12.30 -5.94
CA ILE A 379 -16.10 12.77 -7.29
C ILE A 379 -17.52 13.27 -7.44
N PRO A 380 -18.56 12.62 -6.89
CA PRO A 380 -19.92 13.16 -7.03
C PRO A 380 -20.03 14.64 -6.70
N VAL A 381 -19.54 15.05 -5.53
CA VAL A 381 -19.64 16.45 -5.16
C VAL A 381 -18.83 17.32 -6.08
N HIS A 382 -17.71 16.82 -6.58
CA HIS A 382 -16.86 17.70 -7.37
C HIS A 382 -17.44 17.90 -8.75
N LYS A 383 -17.94 16.85 -9.39
CA LYS A 383 -18.58 17.07 -10.67
C LYS A 383 -19.96 17.68 -10.52
N TRP A 384 -20.51 17.75 -9.32
CA TRP A 384 -21.68 18.60 -9.13
C TRP A 384 -21.28 20.06 -9.08
N CYS A 385 -20.23 20.38 -8.32
CA CYS A 385 -19.72 21.75 -8.30
C CYS A 385 -19.40 22.21 -9.71
N ILE A 386 -18.54 21.47 -10.40
CA ILE A 386 -18.01 21.88 -11.69
C ILE A 386 -19.10 22.10 -12.73
N ARG A 387 -20.32 21.63 -12.48
CA ARG A 387 -21.39 21.73 -13.45
C ARG A 387 -22.51 22.65 -13.04
N HIS A 388 -22.77 22.81 -11.75
CA HIS A 388 -23.90 23.61 -11.30
C HIS A 388 -23.52 24.81 -10.46
N PHE A 389 -22.24 25.01 -10.17
CA PHE A 389 -21.83 26.09 -9.30
C PHE A 389 -20.68 26.84 -9.94
N TYR A 390 -19.90 26.12 -10.74
CA TYR A 390 -18.65 26.65 -11.29
C TYR A 390 -18.82 27.09 -12.73
N LYS A 391 -19.22 26.19 -13.60
CA LYS A 391 -19.39 26.53 -15.00
C LYS A 391 -20.55 27.49 -15.23
N PRO A 392 -21.69 27.35 -14.53
CA PRO A 392 -22.74 28.36 -14.67
C PRO A 392 -22.29 29.73 -14.21
N MET A 393 -21.49 29.79 -13.16
CA MET A 393 -21.08 31.08 -12.62
C MET A 393 -19.77 31.57 -13.23
N LEU A 394 -19.20 30.83 -14.19
CA LEU A 394 -18.22 31.40 -15.10
C LEU A 394 -18.81 31.80 -16.44
N ARG A 395 -19.85 31.10 -16.90
CA ARG A 395 -20.49 31.44 -18.16
C ARG A 395 -21.06 32.84 -18.09
N ARG A 396 -22.05 33.05 -17.23
CA ARG A 396 -22.62 34.38 -17.02
C ARG A 396 -21.91 35.08 -15.86
N GLY A 397 -20.61 35.22 -16.02
CA GLY A 397 -19.81 35.88 -15.01
C GLY A 397 -18.36 35.84 -15.39
N SER A 398 -17.52 36.21 -14.43
CA SER A 398 -16.08 36.15 -14.65
C SER A 398 -15.40 36.14 -13.28
N SER A 399 -14.09 36.42 -13.27
CA SER A 399 -13.29 36.41 -12.05
C SER A 399 -13.29 35.02 -11.42
N LYS A 400 -12.67 34.09 -12.17
CA LYS A 400 -12.64 32.69 -11.77
C LYS A 400 -12.16 32.51 -10.34
N TRP A 401 -11.25 33.35 -9.87
CA TRP A 401 -10.81 33.25 -8.48
C TRP A 401 -11.97 33.53 -7.53
N MET A 402 -12.87 34.43 -7.90
CA MET A 402 -14.08 34.61 -7.09
C MET A 402 -14.90 33.34 -7.05
N ALA A 403 -14.91 32.56 -8.13
CA ALA A 403 -15.66 31.31 -8.14
C ALA A 403 -14.98 30.26 -7.26
N ARG A 404 -13.66 30.19 -7.30
CA ARG A 404 -12.97 29.28 -6.40
C ARG A 404 -13.25 29.66 -4.95
N THR A 405 -13.28 30.96 -4.66
CA THR A 405 -13.69 31.43 -3.34
C THR A 405 -15.12 31.01 -3.02
N GLY A 406 -16.02 31.10 -3.99
CA GLY A 406 -17.40 30.73 -3.74
C GLY A 406 -17.53 29.26 -3.41
N VAL A 407 -16.80 28.40 -4.09
CA VAL A 407 -16.86 26.98 -3.77
C VAL A 407 -16.24 26.72 -2.41
N PHE A 408 -15.17 27.43 -2.07
CA PHE A 408 -14.62 27.27 -0.72
C PHE A 408 -15.64 27.68 0.33
N LEU A 409 -16.36 28.77 0.10
CA LEU A 409 -17.32 29.23 1.09
C LEU A 409 -18.48 28.27 1.22
N ALA A 410 -18.98 27.75 0.11
CA ALA A 410 -20.05 26.76 0.20
C ALA A 410 -19.59 25.51 0.91
N SER A 411 -18.34 25.09 0.66
CA SER A 411 -17.82 23.93 1.35
C SER A 411 -17.70 24.19 2.83
N ALA A 412 -17.29 25.39 3.22
CA ALA A 412 -17.21 25.72 4.63
C ALA A 412 -18.59 25.74 5.26
N PHE A 413 -19.59 26.23 4.53
CA PHE A 413 -20.94 26.27 5.08
C PHE A 413 -21.45 24.87 5.34
N PHE A 414 -21.26 23.96 4.39
CA PHE A 414 -21.75 22.62 4.62
C PHE A 414 -20.94 21.90 5.69
N HIS A 415 -19.65 22.20 5.79
CA HIS A 415 -18.85 21.69 6.89
C HIS A 415 -19.43 22.11 8.24
N GLU A 416 -19.45 23.41 8.50
CA GLU A 416 -19.97 23.99 9.73
C GLU A 416 -21.47 23.83 9.88
N TYR A 417 -22.16 23.24 8.92
CA TYR A 417 -23.56 22.89 9.07
C TYR A 417 -23.76 21.44 9.43
N LEU A 418 -22.88 20.57 8.97
CA LEU A 418 -23.00 19.15 9.27
C LEU A 418 -22.27 18.74 10.53
N VAL A 419 -21.24 19.47 10.95
CA VAL A 419 -20.48 19.01 12.11
C VAL A 419 -20.85 19.83 13.33
N SER A 420 -21.28 21.07 13.12
CA SER A 420 -21.53 21.95 14.25
C SER A 420 -22.96 21.96 14.72
N VAL A 421 -23.92 21.74 13.81
CA VAL A 421 -25.33 21.77 14.19
C VAL A 421 -25.69 20.56 15.03
N PRO A 422 -25.34 19.32 14.64
CA PRO A 422 -25.73 18.18 15.47
C PRO A 422 -25.15 18.21 16.87
N LEU A 423 -23.93 18.73 17.03
CA LEU A 423 -23.29 18.83 18.33
C LEU A 423 -23.53 20.17 19.01
N ARG A 424 -24.30 21.05 18.39
CA ARG A 424 -24.69 22.32 18.98
C ARG A 424 -23.51 23.20 19.36
N MET A 425 -22.35 22.96 18.78
CA MET A 425 -21.18 23.81 18.99
C MET A 425 -21.03 24.78 17.84
N PHE A 426 -20.57 25.99 18.12
CA PHE A 426 -20.35 26.94 17.05
C PHE A 426 -19.05 27.70 17.28
N ARG A 427 -17.99 26.97 17.63
CA ARG A 427 -16.71 27.59 17.90
C ARG A 427 -16.03 28.11 16.64
N LEU A 428 -16.51 27.72 15.47
CA LEU A 428 -15.87 28.05 14.20
C LEU A 428 -14.38 27.69 14.24
N TRP A 429 -14.14 26.41 14.55
CA TRP A 429 -12.86 25.76 14.35
C TRP A 429 -12.75 25.22 12.94
N ALA A 430 -13.79 24.53 12.47
CA ALA A 430 -13.73 23.97 11.12
C ALA A 430 -13.58 25.06 10.08
N PHE A 431 -14.03 26.28 10.38
CA PHE A 431 -13.80 27.37 9.45
C PHE A 431 -12.33 27.74 9.37
N THR A 432 -11.65 27.79 10.52
CA THR A 432 -10.21 27.99 10.49
C THR A 432 -9.51 26.82 9.79
N GLY A 433 -10.04 25.62 9.95
CA GLY A 433 -9.46 24.47 9.26
C GLY A 433 -9.57 24.60 7.75
N MET A 434 -10.73 25.01 7.27
CA MET A 434 -10.89 25.21 5.83
C MET A 434 -10.11 26.42 5.34
N MET A 435 -9.96 27.45 6.18
CA MET A 435 -9.22 28.62 5.75
C MET A 435 -7.73 28.34 5.66
N ALA A 436 -7.20 27.61 6.62
CA ALA A 436 -5.77 27.32 6.63
C ALA A 436 -5.38 26.32 5.61
N GLN A 437 -6.27 25.94 4.69
CA GLN A 437 -5.87 25.04 3.61
C GLN A 437 -5.18 25.78 2.49
N ILE A 438 -5.64 26.98 2.17
CA ILE A 438 -5.04 27.76 1.09
C ILE A 438 -3.62 28.16 1.46
N PRO A 439 -3.37 28.72 2.65
CA PRO A 439 -1.97 28.92 3.07
C PRO A 439 -1.15 27.64 3.05
N LEU A 440 -1.80 26.48 3.12
CA LEU A 440 -1.11 25.21 2.96
C LEU A 440 -1.11 24.76 1.52
N ALA A 441 -2.18 25.04 0.77
CA ALA A 441 -2.24 24.61 -0.62
C ALA A 441 -1.14 25.29 -1.43
N TRP A 442 -1.06 26.61 -1.36
CA TRP A 442 -0.02 27.32 -2.11
C TRP A 442 1.36 26.88 -1.66
N PHE A 443 1.53 26.65 -0.37
CA PHE A 443 2.83 26.23 0.16
C PHE A 443 3.26 24.89 -0.42
N VAL A 444 2.40 23.88 -0.33
CA VAL A 444 2.77 22.55 -0.84
C VAL A 444 2.98 22.60 -2.34
N GLY A 445 2.10 23.31 -3.07
CA GLY A 445 2.28 23.39 -4.50
C GLY A 445 3.49 24.20 -4.92
N ARG A 446 4.00 25.05 -4.03
CA ARG A 446 5.14 25.88 -4.37
C ARG A 446 6.47 25.20 -4.10
N PHE A 447 6.59 24.49 -2.98
CA PHE A 447 7.90 23.96 -2.60
C PHE A 447 8.06 22.49 -2.98
N PHE A 448 7.17 21.63 -2.52
CA PHE A 448 7.35 20.21 -2.73
C PHE A 448 6.93 19.82 -4.14
N GLN A 449 7.48 18.70 -4.61
CA GLN A 449 7.16 18.18 -5.93
C GLN A 449 7.27 16.66 -5.90
N GLY A 450 6.39 16.00 -6.62
CA GLY A 450 6.52 14.56 -6.77
C GLY A 450 6.32 13.83 -5.46
N ASN A 451 7.08 12.76 -5.29
CA ASN A 451 6.89 11.85 -4.16
C ASN A 451 7.17 12.49 -2.82
N TYR A 452 7.45 13.79 -2.80
CA TYR A 452 7.45 14.53 -1.55
C TYR A 452 6.26 15.46 -1.44
N GLY A 453 5.74 15.95 -2.57
CA GLY A 453 4.44 16.59 -2.53
C GLY A 453 3.36 15.62 -2.10
N ASN A 454 3.49 14.35 -2.47
CA ASN A 454 2.52 13.36 -1.99
C ASN A 454 2.63 13.16 -0.50
N ALA A 455 3.84 13.21 0.05
CA ALA A 455 3.98 13.13 1.50
C ALA A 455 3.44 14.37 2.17
N ALA A 456 3.58 15.53 1.54
CA ALA A 456 2.98 16.74 2.09
C ALA A 456 1.47 16.61 2.15
N VAL A 457 0.86 16.07 1.10
CA VAL A 457 -0.59 15.88 1.11
C VAL A 457 -0.99 14.88 2.18
N TRP A 458 -0.23 13.79 2.31
CA TRP A 458 -0.58 12.79 3.32
C TRP A 458 -0.43 13.33 4.72
N LEU A 459 0.47 14.29 4.93
CA LEU A 459 0.55 14.93 6.23
C LEU A 459 -0.60 15.90 6.44
N SER A 460 -0.94 16.67 5.41
CA SER A 460 -2.10 17.55 5.51
C SER A 460 -3.36 16.78 5.86
N LEU A 461 -3.48 15.54 5.38
CA LEU A 461 -4.65 14.74 5.71
C LEU A 461 -4.61 14.19 7.12
N ILE A 462 -3.51 14.33 7.84
CA ILE A 462 -3.39 13.82 9.19
C ILE A 462 -3.58 14.91 10.22
N ILE A 463 -2.87 16.03 10.06
CA ILE A 463 -2.94 17.13 10.99
C ILE A 463 -3.75 18.29 10.43
N GLY A 464 -4.44 18.10 9.32
CA GLY A 464 -5.15 19.20 8.71
C GLY A 464 -6.61 19.23 9.07
N GLN A 465 -7.47 18.94 8.10
CA GLN A 465 -8.90 19.15 8.30
C GLN A 465 -9.51 18.14 9.27
N PRO A 466 -9.29 16.83 9.14
CA PRO A 466 -9.96 15.90 10.06
C PRO A 466 -9.73 16.20 11.53
N ILE A 467 -8.62 16.83 11.86
CA ILE A 467 -8.40 17.29 13.23
C ILE A 467 -9.50 18.25 13.65
N ALA A 468 -9.93 19.11 12.72
CA ALA A 468 -10.91 20.12 13.05
C ALA A 468 -12.29 19.55 13.25
N VAL A 469 -12.48 18.25 13.03
CA VAL A 469 -13.71 17.57 13.41
C VAL A 469 -13.47 16.72 14.65
N LEU A 470 -12.26 16.18 14.80
CA LEU A 470 -11.90 15.52 16.04
C LEU A 470 -12.06 16.45 17.22
N MET A 471 -11.75 17.73 17.05
CA MET A 471 -11.92 18.67 18.15
C MET A 471 -13.37 18.73 18.60
N TYR A 472 -14.30 18.85 17.65
CA TYR A 472 -15.72 18.89 18.00
C TYR A 472 -16.15 17.64 18.72
N VAL A 473 -15.83 16.48 18.16
CA VAL A 473 -16.33 15.25 18.77
C VAL A 473 -15.67 14.99 20.12
N HIS A 474 -14.43 15.44 20.30
CA HIS A 474 -13.80 15.31 21.61
C HIS A 474 -14.48 16.22 22.63
N ASP A 475 -14.63 17.50 22.30
CA ASP A 475 -15.29 18.41 23.21
C ASP A 475 -16.73 17.99 23.49
N TYR A 476 -17.33 17.19 22.63
CA TYR A 476 -18.66 16.70 22.95
C TYR A 476 -18.63 15.46 23.82
N TYR A 477 -17.77 14.50 23.51
CA TYR A 477 -17.71 13.29 24.32
C TYR A 477 -17.24 13.60 25.73
N VAL A 478 -16.41 14.64 25.88
CA VAL A 478 -15.91 14.98 27.21
C VAL A 478 -17.00 15.62 28.03
N LEU A 479 -17.78 16.47 27.43
CA LEU A 479 -18.81 17.17 28.19
C LEU A 479 -19.97 16.28 28.56
N ASN A 480 -19.93 14.97 28.33
CA ASN A 480 -21.12 14.15 28.55
C ASN A 480 -20.85 12.78 29.13
N TYR A 481 -19.61 12.42 29.47
CA TYR A 481 -19.35 11.05 29.93
C TYR A 481 -18.23 10.98 30.96
N TRP B 64 -30.73 18.30 -27.60
CA TRP B 64 -29.81 17.17 -27.62
C TRP B 64 -29.27 16.92 -26.22
N GLU B 65 -28.76 15.70 -25.99
CA GLU B 65 -28.22 15.31 -24.70
C GLU B 65 -26.84 14.68 -24.89
N LEU B 66 -25.85 15.20 -24.19
CA LEU B 66 -24.51 14.63 -24.16
C LEU B 66 -24.22 14.23 -22.73
N ARG B 67 -24.14 12.92 -22.48
CA ARG B 67 -24.17 12.41 -21.12
C ARG B 67 -22.83 12.60 -20.42
N CYS B 68 -22.92 12.80 -19.10
CA CYS B 68 -21.76 12.96 -18.25
C CYS B 68 -21.45 11.73 -17.40
N HIS B 69 -22.35 10.76 -17.36
CA HIS B 69 -22.14 9.52 -16.61
C HIS B 69 -21.77 8.42 -17.59
N ARG B 70 -20.51 8.00 -17.57
CA ARG B 70 -20.09 6.86 -18.37
C ARG B 70 -20.48 5.58 -17.66
N LEU B 71 -19.95 4.46 -18.10
CA LEU B 71 -20.28 3.14 -17.56
C LEU B 71 -18.97 2.50 -17.13
N GLN B 72 -18.58 2.73 -15.87
CA GLN B 72 -17.24 2.36 -15.42
C GLN B 72 -17.28 1.67 -14.07
N ASP B 73 -16.12 1.53 -13.43
CA ASP B 73 -15.99 0.82 -12.18
C ASP B 73 -15.16 1.61 -11.19
N SER B 74 -15.38 1.32 -9.91
CA SER B 74 -14.63 1.96 -8.86
C SER B 74 -13.16 1.56 -8.94
N LEU B 75 -12.29 2.49 -8.59
CA LEU B 75 -10.86 2.25 -8.75
C LEU B 75 -10.37 1.10 -7.89
N PHE B 76 -10.97 0.89 -6.72
CA PHE B 76 -10.53 -0.23 -5.89
C PHE B 76 -11.10 -1.56 -6.34
N SER B 77 -12.06 -1.56 -7.26
CA SER B 77 -12.77 -2.80 -7.54
C SER B 77 -11.89 -3.77 -8.30
N SER B 78 -12.24 -5.05 -8.19
CA SER B 78 -11.40 -6.11 -8.71
C SER B 78 -11.25 -6.00 -10.21
N ASP B 79 -12.34 -5.67 -10.91
CA ASP B 79 -12.37 -5.66 -12.36
C ASP B 79 -12.25 -4.26 -12.94
N SER B 80 -11.47 -3.39 -12.31
CA SER B 80 -11.24 -2.07 -12.86
C SER B 80 -9.90 -1.93 -13.53
N GLY B 81 -8.93 -2.74 -13.13
CA GLY B 81 -7.60 -2.68 -13.69
C GLY B 81 -7.02 -1.29 -13.57
N PHE B 82 -6.84 -0.82 -12.34
CA PHE B 82 -6.26 0.50 -12.15
C PHE B 82 -4.75 0.43 -11.93
N SER B 83 -4.34 -0.19 -10.81
CA SER B 83 -2.93 -0.42 -10.53
C SER B 83 -2.10 0.86 -10.69
N ASN B 84 -2.36 1.82 -9.81
CA ASN B 84 -1.54 3.02 -9.71
C ASN B 84 -1.42 3.45 -8.26
N TYR B 85 -1.13 2.52 -7.37
CA TYR B 85 -1.20 2.80 -5.94
C TYR B 85 0.13 3.29 -5.37
N ARG B 86 0.94 3.98 -6.15
CA ARG B 86 2.12 4.62 -5.59
C ARG B 86 1.68 5.79 -4.73
N GLY B 87 1.53 5.57 -3.45
CA GLY B 87 0.91 6.55 -2.59
C GLY B 87 0.20 5.84 -1.47
N ILE B 88 -0.11 4.56 -1.67
CA ILE B 88 -0.23 3.71 -0.51
C ILE B 88 1.14 3.48 0.07
N LEU B 89 2.16 3.47 -0.78
CA LEU B 89 3.53 3.25 -0.33
C LEU B 89 4.03 4.45 0.46
N ASN B 90 3.83 5.66 -0.05
CA ASN B 90 4.22 6.84 0.69
C ASN B 90 3.44 6.99 1.99
N TRP B 91 2.22 6.45 2.05
CA TRP B 91 1.53 6.41 3.33
C TRP B 91 2.28 5.53 4.32
N CYS B 92 2.76 4.37 3.87
CA CYS B 92 3.57 3.53 4.73
C CYS B 92 4.77 4.30 5.26
N VAL B 93 5.51 4.95 4.37
CA VAL B 93 6.70 5.67 4.80
C VAL B 93 6.35 6.76 5.79
N VAL B 94 5.30 7.54 5.50
CA VAL B 94 4.95 8.66 6.36
C VAL B 94 4.51 8.17 7.72
N MET B 95 3.78 7.07 7.78
CA MET B 95 3.34 6.56 9.07
C MET B 95 4.51 6.01 9.88
N LEU B 96 5.36 5.22 9.24
CA LEU B 96 6.54 4.70 9.93
C LEU B 96 7.38 5.84 10.48
N ILE B 97 7.54 6.91 9.70
CA ILE B 97 8.37 8.02 10.14
C ILE B 97 7.71 8.77 11.27
N LEU B 98 6.41 9.04 11.18
CA LEU B 98 5.75 9.73 12.27
C LEU B 98 5.78 8.93 13.56
N SER B 99 5.80 7.61 13.45
CA SER B 99 5.77 6.80 14.66
C SER B 99 7.14 6.53 15.24
N ASN B 100 8.20 6.56 14.45
CA ASN B 100 9.54 6.27 14.97
C ASN B 100 10.52 7.42 14.82
N ALA B 101 10.06 8.62 14.47
CA ALA B 101 10.97 9.73 14.23
C ALA B 101 11.31 10.51 15.48
N ARG B 102 11.10 9.92 16.64
CA ARG B 102 11.78 10.40 17.84
C ARG B 102 12.70 9.35 18.42
N LEU B 103 12.24 8.10 18.47
CA LEU B 103 13.09 7.01 18.90
C LEU B 103 14.30 6.88 17.99
N PHE B 104 14.14 7.16 16.69
CA PHE B 104 15.27 7.05 15.79
C PHE B 104 16.24 8.19 16.00
N LEU B 105 15.74 9.42 16.20
CA LEU B 105 16.64 10.53 16.46
C LEU B 105 17.33 10.42 17.81
N GLU B 106 16.75 9.67 18.75
CA GLU B 106 17.44 9.45 20.02
C GLU B 106 18.45 8.32 19.90
N ASN B 107 18.12 7.27 19.16
CA ASN B 107 19.04 6.14 19.04
C ASN B 107 20.21 6.48 18.13
N LEU B 108 20.02 7.36 17.16
CA LEU B 108 21.13 7.82 16.34
C LEU B 108 22.06 8.75 17.09
N ILE B 109 21.70 9.14 18.31
CA ILE B 109 22.58 9.95 19.14
C ILE B 109 23.24 9.03 20.16
N LYS B 110 22.43 8.31 20.93
CA LYS B 110 22.98 7.40 21.93
C LYS B 110 23.86 6.32 21.32
N TYR B 111 23.71 6.03 20.03
CA TYR B 111 24.63 5.13 19.33
C TYR B 111 25.36 5.85 18.21
N GLY B 112 25.31 7.17 18.16
CA GLY B 112 25.93 7.90 17.07
C GLY B 112 27.36 8.34 17.36
N ILE B 113 27.75 8.28 18.63
CA ILE B 113 29.09 8.60 19.06
C ILE B 113 29.68 7.53 19.96
N LEU B 114 28.92 6.50 20.29
CA LEU B 114 29.36 5.44 21.19
C LEU B 114 29.48 4.10 20.46
N VAL B 115 30.07 4.14 19.26
CA VAL B 115 30.32 2.93 18.47
C VAL B 115 31.75 2.86 17.95
N ASP B 116 32.59 3.87 18.22
CA ASP B 116 34.00 4.00 17.84
C ASP B 116 34.30 3.34 16.49
N PRO B 117 33.76 3.87 15.40
CA PRO B 117 33.89 3.17 14.11
C PRO B 117 35.29 3.16 13.52
N ILE B 118 36.28 3.66 14.26
CA ILE B 118 37.67 3.58 13.84
C ILE B 118 38.54 2.79 14.81
N GLN B 119 38.11 2.60 16.05
CA GLN B 119 38.89 1.85 17.02
C GLN B 119 38.67 0.34 16.90
N VAL B 120 37.55 -0.09 16.32
CA VAL B 120 37.28 -1.52 16.23
C VAL B 120 38.18 -2.18 15.19
N VAL B 121 38.53 -1.46 14.12
CA VAL B 121 39.46 -2.04 13.16
C VAL B 121 40.84 -2.19 13.80
N SER B 122 41.22 -1.25 14.67
CA SER B 122 42.50 -1.39 15.37
C SER B 122 42.44 -2.50 16.41
N LEU B 123 41.29 -2.71 17.03
CA LEU B 123 41.16 -3.84 17.96
C LEU B 123 41.17 -5.16 17.22
N PHE B 124 40.71 -5.19 15.97
CA PHE B 124 40.81 -6.40 15.18
C PHE B 124 42.25 -6.62 14.72
N LEU B 125 42.95 -5.55 14.36
CA LEU B 125 44.38 -5.66 14.07
C LEU B 125 45.16 -6.10 15.30
N LYS B 126 44.66 -5.77 16.49
CA LYS B 126 45.31 -6.21 17.71
C LYS B 126 45.27 -7.73 17.87
N ASP B 127 44.31 -8.39 17.24
CA ASP B 127 44.30 -9.85 17.26
C ASP B 127 43.50 -10.37 16.07
N PRO B 128 44.14 -11.07 15.15
CA PRO B 128 43.42 -11.58 13.98
C PRO B 128 42.71 -12.89 14.23
N TYR B 129 43.24 -13.71 15.14
CA TYR B 129 42.65 -15.03 15.35
C TYR B 129 41.40 -14.94 16.20
N SER B 130 41.33 -14.00 17.13
CA SER B 130 40.04 -13.61 17.65
C SER B 130 39.28 -12.87 16.54
N TRP B 131 37.96 -12.81 16.69
CA TRP B 131 37.10 -12.37 15.61
C TRP B 131 37.41 -13.18 14.35
N PRO B 132 37.05 -14.47 14.31
CA PRO B 132 37.35 -15.26 13.12
C PRO B 132 36.46 -14.95 11.94
N ALA B 133 35.32 -14.28 12.14
CA ALA B 133 34.43 -14.03 11.02
C ALA B 133 35.06 -13.08 10.00
N PRO B 134 35.55 -11.90 10.37
CA PRO B 134 36.27 -11.09 9.38
C PRO B 134 37.51 -11.79 8.87
N CYS B 135 38.11 -12.67 9.66
CA CYS B 135 39.22 -13.46 9.16
C CYS B 135 38.79 -14.29 7.96
N LEU B 136 37.64 -14.97 8.05
CA LEU B 136 37.16 -15.75 6.92
C LEU B 136 36.79 -14.86 5.75
N VAL B 137 36.16 -13.71 6.02
CA VAL B 137 35.76 -12.83 4.94
C VAL B 137 36.98 -12.36 4.16
N ILE B 138 38.06 -12.00 4.85
CA ILE B 138 39.26 -11.60 4.14
C ILE B 138 39.94 -12.80 3.51
N ALA B 139 39.78 -13.99 4.10
CA ALA B 139 40.38 -15.17 3.51
C ALA B 139 39.74 -15.53 2.18
N ALA B 140 38.49 -15.13 1.97
CA ALA B 140 37.84 -15.40 0.69
C ALA B 140 38.66 -14.92 -0.50
N ASN B 141 39.54 -13.95 -0.30
CA ASN B 141 40.36 -13.48 -1.41
C ASN B 141 41.30 -14.54 -1.92
N VAL B 142 41.62 -15.56 -1.13
CA VAL B 142 42.46 -16.64 -1.63
C VAL B 142 41.79 -17.30 -2.82
N PHE B 143 40.51 -17.64 -2.69
CA PHE B 143 39.80 -18.23 -3.82
C PHE B 143 39.53 -17.20 -4.90
N ALA B 144 39.16 -15.98 -4.50
CA ALA B 144 38.88 -14.94 -5.48
C ALA B 144 40.11 -14.56 -6.29
N VAL B 145 41.30 -14.97 -5.85
CA VAL B 145 42.51 -14.78 -6.63
C VAL B 145 42.95 -16.05 -7.34
N ALA B 146 42.74 -17.23 -6.74
CA ALA B 146 43.07 -18.46 -7.43
C ALA B 146 42.26 -18.60 -8.71
N ALA B 147 40.99 -18.22 -8.68
CA ALA B 147 40.19 -18.33 -9.89
C ALA B 147 40.69 -17.38 -10.98
N PHE B 148 41.01 -16.15 -10.59
CA PHE B 148 41.58 -15.22 -11.55
C PHE B 148 42.90 -15.72 -12.10
N GLN B 149 43.68 -16.43 -11.28
CA GLN B 149 44.94 -16.96 -11.76
C GLN B 149 44.73 -18.09 -12.75
N VAL B 150 43.75 -18.96 -12.51
CA VAL B 150 43.42 -19.96 -13.52
C VAL B 150 43.02 -19.29 -14.82
N GLU B 151 42.21 -18.23 -14.73
CA GLU B 151 41.77 -17.55 -15.95
C GLU B 151 42.95 -16.95 -16.70
N LYS B 152 43.82 -16.24 -15.99
CA LYS B 152 45.00 -15.69 -16.65
C LYS B 152 45.90 -16.78 -17.20
N ARG B 153 45.91 -17.96 -16.57
CA ARG B 153 46.72 -19.06 -17.06
C ARG B 153 46.19 -19.54 -18.40
N LEU B 154 44.96 -20.02 -18.44
CA LEU B 154 44.42 -20.50 -19.71
C LEU B 154 43.97 -19.38 -20.61
N ALA B 155 44.23 -18.12 -20.24
CA ALA B 155 43.89 -17.01 -21.11
C ALA B 155 44.68 -17.09 -22.40
N VAL B 156 45.94 -17.51 -22.31
CA VAL B 156 46.79 -17.48 -23.49
C VAL B 156 47.16 -18.87 -23.98
N GLY B 157 47.96 -19.61 -23.24
CA GLY B 157 48.36 -20.91 -23.74
C GLY B 157 48.43 -22.06 -22.77
N ALA B 158 48.44 -21.76 -21.47
CA ALA B 158 48.65 -22.81 -20.49
C ALA B 158 47.32 -23.45 -20.14
N LEU B 159 47.39 -24.58 -19.42
CA LEU B 159 46.24 -25.13 -18.73
C LEU B 159 45.09 -25.39 -19.70
N THR B 160 45.31 -26.38 -20.58
CA THR B 160 44.28 -26.82 -21.51
C THR B 160 42.95 -27.01 -20.79
N GLU B 161 41.86 -26.77 -21.52
CA GLU B 161 40.54 -26.58 -20.93
C GLU B 161 40.19 -27.65 -19.90
N GLN B 162 40.71 -28.86 -20.06
CA GLN B 162 40.43 -29.91 -19.07
C GLN B 162 40.99 -29.54 -17.71
N ALA B 163 42.28 -29.21 -17.65
CA ALA B 163 42.90 -28.86 -16.39
C ALA B 163 42.30 -27.60 -15.80
N GLY B 164 42.07 -26.59 -16.65
CA GLY B 164 41.46 -25.37 -16.16
C GLY B 164 40.09 -25.61 -15.57
N LEU B 165 39.28 -26.44 -16.22
CA LEU B 165 37.96 -26.74 -15.70
C LEU B 165 38.03 -27.51 -14.40
N LEU B 166 38.94 -28.48 -14.30
CA LEU B 166 39.05 -29.22 -13.05
C LEU B 166 39.53 -28.32 -11.92
N LEU B 167 40.44 -27.39 -12.22
CA LEU B 167 40.90 -26.47 -11.19
C LEU B 167 39.77 -25.56 -10.75
N HIS B 168 38.97 -25.08 -11.69
CA HIS B 168 37.81 -24.28 -11.33
C HIS B 168 36.83 -25.07 -10.47
N VAL B 169 36.60 -26.34 -10.81
CA VAL B 169 35.68 -27.13 -10.00
C VAL B 169 36.23 -27.29 -8.59
N ALA B 170 37.53 -27.57 -8.46
CA ALA B 170 38.11 -27.74 -7.13
C ALA B 170 38.02 -26.46 -6.33
N ASN B 171 38.36 -25.32 -6.94
CA ASN B 171 38.29 -24.05 -6.24
C ASN B 171 36.86 -23.71 -5.84
N LEU B 172 35.89 -23.92 -6.74
CA LEU B 172 34.51 -23.63 -6.40
C LEU B 172 34.00 -24.54 -5.30
N ALA B 173 34.47 -25.79 -5.25
CA ALA B 173 34.05 -26.67 -4.18
C ALA B 173 34.65 -26.25 -2.85
N THR B 174 35.91 -25.79 -2.87
CA THR B 174 36.51 -25.39 -1.60
C THR B 174 35.93 -24.07 -1.10
N ILE B 175 35.45 -23.19 -1.99
CA ILE B 175 34.75 -21.99 -1.52
C ILE B 175 33.58 -22.36 -0.63
N LEU B 176 32.87 -23.43 -0.96
CA LEU B 176 31.75 -23.83 -0.12
C LEU B 176 32.21 -24.63 1.08
N CYS B 177 33.13 -25.57 0.89
CA CYS B 177 33.49 -26.51 1.94
C CYS B 177 34.43 -25.93 2.98
N PHE B 178 35.07 -24.80 2.73
CA PHE B 178 36.02 -24.30 3.71
C PHE B 178 35.32 -23.61 4.88
N PRO B 179 34.43 -22.63 4.64
CA PRO B 179 33.73 -22.02 5.79
C PRO B 179 32.75 -22.96 6.45
N ALA B 180 32.08 -23.82 5.68
CA ALA B 180 31.21 -24.80 6.29
C ALA B 180 31.96 -25.72 7.24
N ALA B 181 33.29 -25.73 7.19
CA ALA B 181 34.10 -26.43 8.16
C ALA B 181 34.64 -25.52 9.24
N VAL B 182 35.10 -24.32 8.88
CA VAL B 182 35.67 -23.42 9.87
C VAL B 182 34.62 -23.02 10.90
N VAL B 183 33.45 -22.58 10.43
CA VAL B 183 32.45 -22.11 11.37
C VAL B 183 31.88 -23.23 12.22
N LEU B 184 32.01 -24.48 11.78
CA LEU B 184 31.52 -25.59 12.60
C LEU B 184 32.53 -25.95 13.68
N LEU B 185 33.79 -26.18 13.29
CA LEU B 185 34.79 -26.59 14.25
C LEU B 185 35.16 -25.46 15.19
N VAL B 186 35.56 -24.31 14.64
CA VAL B 186 35.97 -23.18 15.48
C VAL B 186 34.81 -22.76 16.37
N GLU B 187 35.07 -22.66 17.66
CA GLU B 187 34.02 -22.47 18.65
C GLU B 187 33.69 -21.00 18.91
N SER B 188 34.67 -20.12 18.84
CA SER B 188 34.52 -18.72 19.24
C SER B 188 33.72 -17.90 18.28
N ILE B 189 33.03 -18.49 17.32
CA ILE B 189 32.34 -17.73 16.27
C ILE B 189 30.88 -17.58 16.65
N THR B 190 30.31 -16.44 16.31
CA THR B 190 28.95 -16.05 16.65
C THR B 190 28.00 -16.34 15.49
N PRO B 191 26.73 -16.59 15.77
CA PRO B 191 25.82 -16.97 14.68
C PRO B 191 25.61 -15.88 13.65
N VAL B 192 25.35 -14.65 14.08
CA VAL B 192 25.20 -13.56 13.12
C VAL B 192 26.55 -13.10 12.58
N GLY B 193 27.64 -13.71 13.03
CA GLY B 193 28.93 -13.47 12.45
C GLY B 193 29.34 -14.62 11.55
N SER B 194 28.77 -15.79 11.81
CA SER B 194 28.95 -16.90 10.89
C SER B 194 28.10 -16.72 9.65
N LEU B 195 26.92 -16.14 9.80
CA LEU B 195 26.09 -15.86 8.65
C LEU B 195 26.73 -14.84 7.73
N LEU B 196 27.44 -13.87 8.26
CA LEU B 196 28.10 -12.89 7.41
C LEU B 196 29.37 -13.41 6.78
N ALA B 197 29.74 -14.66 7.05
CA ALA B 197 30.77 -15.32 6.27
C ALA B 197 30.20 -16.30 5.28
N LEU B 198 29.11 -16.95 5.62
CA LEU B 198 28.48 -17.84 4.66
C LEU B 198 27.75 -17.08 3.57
N MET B 199 27.04 -16.01 3.91
CA MET B 199 26.41 -15.20 2.88
C MET B 199 27.41 -14.41 2.06
N ALA B 200 28.69 -14.54 2.36
CA ALA B 200 29.73 -14.02 1.49
C ALA B 200 30.39 -15.12 0.67
N HIS B 201 30.59 -16.28 1.25
CA HIS B 201 31.19 -17.40 0.52
C HIS B 201 30.20 -18.13 -0.37
N THR B 202 28.91 -17.80 -0.32
CA THR B 202 28.01 -18.25 -1.38
C THR B 202 27.85 -17.23 -2.48
N ILE B 203 27.85 -15.94 -2.15
CA ILE B 203 27.85 -14.93 -3.18
C ILE B 203 29.12 -15.00 -3.99
N LEU B 204 30.27 -15.21 -3.32
CA LEU B 204 31.51 -15.35 -4.06
C LEU B 204 31.51 -16.59 -4.93
N PHE B 205 30.92 -17.68 -4.45
CA PHE B 205 30.83 -18.88 -5.28
C PHE B 205 29.96 -18.64 -6.50
N LEU B 206 28.78 -18.05 -6.30
CA LEU B 206 27.89 -17.80 -7.42
C LEU B 206 28.50 -16.83 -8.41
N LYS B 207 29.31 -15.89 -7.93
CA LYS B 207 29.95 -14.95 -8.85
C LYS B 207 31.08 -15.62 -9.61
N LEU B 208 31.87 -16.46 -8.95
CA LEU B 208 32.98 -17.09 -9.63
C LEU B 208 32.51 -18.14 -10.62
N PHE B 209 31.36 -18.76 -10.37
CA PHE B 209 30.78 -19.63 -11.38
C PHE B 209 30.61 -18.89 -12.70
N SER B 210 29.91 -17.76 -12.68
CA SER B 210 29.70 -17.03 -13.91
C SER B 210 30.98 -16.40 -14.42
N TYR B 211 31.90 -16.03 -13.54
CA TYR B 211 33.18 -15.53 -14.01
C TYR B 211 33.92 -16.58 -14.78
N ARG B 212 33.76 -17.85 -14.41
CA ARG B 212 34.27 -18.92 -15.24
C ARG B 212 33.52 -18.99 -16.56
N ASP B 213 32.19 -18.98 -16.50
CA ASP B 213 31.39 -19.34 -17.67
C ASP B 213 31.49 -18.28 -18.77
N VAL B 214 31.36 -17.02 -18.41
CA VAL B 214 31.42 -15.94 -19.39
C VAL B 214 32.78 -15.97 -20.09
N ASN B 215 33.85 -16.11 -19.32
CA ASN B 215 35.17 -16.09 -19.91
C ASN B 215 35.39 -17.30 -20.79
N SER B 216 34.91 -18.47 -20.37
CA SER B 216 35.07 -19.65 -21.22
C SER B 216 34.31 -19.49 -22.52
N TRP B 217 33.10 -18.94 -22.46
CA TRP B 217 32.31 -18.74 -23.67
C TRP B 217 32.99 -17.76 -24.61
N CYS B 218 33.44 -16.62 -24.09
CA CYS B 218 34.11 -15.64 -24.94
C CYS B 218 35.44 -16.17 -25.47
N ARG B 219 36.13 -16.99 -24.69
CA ARG B 219 37.41 -17.53 -25.14
C ARG B 219 37.22 -18.56 -26.23
N ARG B 220 36.22 -19.43 -26.10
CA ARG B 220 35.90 -20.32 -27.20
C ARG B 220 35.47 -19.53 -28.43
N ALA B 221 34.76 -18.42 -28.23
CA ALA B 221 34.38 -17.59 -29.36
C ALA B 221 35.61 -17.01 -30.07
N ARG B 222 36.61 -16.58 -29.30
CA ARG B 222 37.82 -16.08 -29.93
C ARG B 222 38.59 -17.19 -30.61
N ALA B 223 38.60 -18.38 -30.02
CA ALA B 223 39.22 -19.52 -30.67
C ALA B 223 38.57 -19.82 -32.02
N LYS B 224 37.26 -19.69 -32.10
CA LYS B 224 36.58 -19.95 -33.37
C LYS B 224 36.79 -18.79 -34.34
N ALA B 225 36.74 -17.56 -33.86
CA ALA B 225 37.03 -16.42 -34.71
C ALA B 225 38.45 -16.42 -35.21
N ALA B 226 39.34 -17.18 -34.57
CA ALA B 226 40.66 -17.41 -35.13
C ALA B 226 40.65 -18.28 -36.38
N SER B 227 39.47 -18.73 -36.82
CA SER B 227 39.33 -19.44 -38.09
C SER B 227 38.94 -18.51 -39.24
N ALA B 228 39.30 -17.24 -39.13
CA ALA B 228 39.03 -16.25 -40.18
C ALA B 228 40.00 -15.09 -40.05
N ALA B 236 33.54 -0.58 -31.23
CA ALA B 236 34.91 -0.90 -30.88
C ALA B 236 35.53 0.25 -30.09
N ALA B 237 35.37 1.45 -30.62
CA ALA B 237 35.94 2.63 -29.98
C ALA B 237 35.39 2.90 -28.58
N PRO B 238 34.07 2.83 -28.32
CA PRO B 238 33.58 3.25 -26.99
C PRO B 238 33.99 2.31 -25.87
N HIS B 239 35.28 2.06 -25.74
CA HIS B 239 35.86 1.31 -24.61
C HIS B 239 35.16 -0.02 -24.39
N THR B 240 34.53 -0.58 -25.40
CA THR B 240 33.91 -1.89 -25.27
C THR B 240 35.01 -2.92 -25.17
N VAL B 241 35.31 -3.34 -23.95
CA VAL B 241 36.47 -4.21 -23.70
C VAL B 241 36.26 -5.54 -24.39
N SER B 242 37.24 -5.94 -25.19
CA SER B 242 37.21 -7.22 -25.89
C SER B 242 37.55 -8.32 -24.90
N TYR B 243 37.76 -9.54 -25.38
CA TYR B 243 37.93 -10.65 -24.45
C TYR B 243 39.18 -10.51 -23.60
N PRO B 244 40.39 -10.59 -24.15
CA PRO B 244 41.56 -10.78 -23.28
C PRO B 244 41.84 -9.57 -22.41
N ASP B 245 41.41 -8.39 -22.80
CA ASP B 245 41.73 -7.17 -22.06
C ASP B 245 40.85 -6.98 -20.85
N ASN B 246 39.97 -7.92 -20.53
CA ASN B 246 39.12 -7.81 -19.36
C ASN B 246 39.62 -8.66 -18.21
N LEU B 247 40.81 -9.24 -18.32
CA LEU B 247 41.35 -10.14 -17.30
C LEU B 247 42.32 -9.42 -16.39
N THR B 248 42.03 -8.19 -16.03
CA THR B 248 42.84 -7.45 -15.08
C THR B 248 42.22 -7.54 -13.69
N TYR B 249 43.06 -7.31 -12.68
CA TYR B 249 42.60 -7.43 -11.29
C TYR B 249 41.53 -6.41 -10.97
N ARG B 250 41.66 -5.21 -11.53
CA ARG B 250 40.75 -4.13 -11.18
C ARG B 250 39.31 -4.50 -11.49
N ASP B 251 39.06 -5.01 -12.69
CA ASP B 251 37.67 -5.31 -13.02
C ASP B 251 37.19 -6.58 -12.37
N LEU B 252 38.08 -7.53 -12.05
CA LEU B 252 37.65 -8.67 -11.26
C LEU B 252 37.13 -8.22 -9.90
N TYR B 253 37.89 -7.38 -9.21
CA TYR B 253 37.43 -6.86 -7.93
C TYR B 253 36.16 -6.04 -8.10
N TYR B 254 36.08 -5.21 -9.14
CA TYR B 254 34.86 -4.45 -9.36
C TYR B 254 33.68 -5.39 -9.58
N PHE B 255 33.93 -6.55 -10.18
CA PHE B 255 32.85 -7.51 -10.34
C PHE B 255 32.43 -8.04 -8.99
N LEU B 256 33.39 -8.40 -8.15
CA LEU B 256 33.04 -9.06 -6.89
C LEU B 256 32.17 -8.17 -6.02
N PHE B 257 32.47 -6.89 -5.94
CA PHE B 257 31.66 -5.98 -5.15
C PHE B 257 30.42 -5.49 -5.87
N ALA B 258 30.29 -5.73 -7.17
CA ALA B 258 29.13 -5.26 -7.89
C ALA B 258 27.89 -6.03 -7.46
N PRO B 259 26.75 -5.38 -7.37
CA PRO B 259 25.53 -6.06 -6.92
C PRO B 259 24.87 -6.90 -8.00
N THR B 260 25.60 -7.88 -8.51
CA THR B 260 25.03 -8.81 -9.47
C THR B 260 25.82 -10.10 -9.43
N LEU B 261 25.16 -11.18 -9.82
CA LEU B 261 25.77 -12.49 -9.80
C LEU B 261 26.10 -13.01 -11.19
N CYS B 262 25.85 -12.23 -12.23
CA CYS B 262 26.07 -12.69 -13.60
C CYS B 262 27.13 -11.79 -14.21
N TYR B 263 28.32 -12.34 -14.43
CA TYR B 263 29.43 -11.57 -14.97
C TYR B 263 29.12 -11.12 -16.39
N GLU B 264 29.78 -10.03 -16.79
CA GLU B 264 29.61 -9.49 -18.12
C GLU B 264 30.69 -8.47 -18.39
N LEU B 265 31.39 -8.59 -19.52
CA LEU B 265 32.38 -7.59 -19.87
C LEU B 265 31.70 -6.25 -20.06
N ASN B 266 32.40 -5.18 -19.69
CA ASN B 266 31.92 -3.80 -19.77
C ASN B 266 30.48 -3.66 -19.28
N PHE B 267 30.28 -3.82 -17.97
CA PHE B 267 29.03 -3.51 -17.27
C PHE B 267 28.51 -2.13 -17.66
N PRO B 268 27.21 -1.87 -17.54
CA PRO B 268 26.71 -0.51 -17.68
C PRO B 268 27.26 0.37 -16.57
N ARG B 269 27.08 1.68 -16.72
CA ARG B 269 27.61 2.63 -15.75
C ARG B 269 26.63 3.77 -15.56
N SER B 270 26.67 4.33 -14.44
CA SER B 270 25.85 5.50 -14.25
C SER B 270 26.70 6.76 -14.28
N PRO B 271 26.12 7.88 -14.69
CA PRO B 271 26.93 9.10 -14.86
C PRO B 271 27.65 9.56 -13.60
N ARG B 272 26.98 9.72 -12.47
CA ARG B 272 27.62 10.32 -11.31
C ARG B 272 27.25 9.51 -10.07
N ILE B 273 27.60 10.05 -8.91
CA ILE B 273 27.47 9.33 -7.64
C ILE B 273 26.20 9.74 -6.91
N ARG B 274 25.76 11.00 -7.11
CA ARG B 274 24.48 11.46 -6.55
C ARG B 274 24.46 11.35 -5.02
N LYS B 275 25.27 12.20 -4.39
CA LYS B 275 25.38 12.18 -2.93
C LYS B 275 24.02 12.16 -2.25
N ARG B 276 23.04 12.88 -2.80
CA ARG B 276 21.70 12.88 -2.20
C ARG B 276 21.14 11.47 -2.10
N PHE B 277 21.17 10.74 -3.22
CA PHE B 277 20.60 9.40 -3.28
C PHE B 277 21.32 8.46 -2.32
N LEU B 278 22.65 8.55 -2.27
CA LEU B 278 23.40 7.71 -1.35
C LEU B 278 23.02 8.02 0.09
N LEU B 279 22.84 9.30 0.42
CA LEU B 279 22.44 9.65 1.79
C LEU B 279 21.07 9.11 2.12
N ARG B 280 20.13 9.22 1.18
CA ARG B 280 18.79 8.71 1.45
C ARG B 280 18.81 7.21 1.66
N ARG B 281 19.62 6.48 0.89
CA ARG B 281 19.68 5.05 1.09
C ARG B 281 20.32 4.69 2.41
N ILE B 282 21.36 5.43 2.82
CA ILE B 282 21.97 5.16 4.11
C ILE B 282 20.98 5.43 5.23
N LEU B 283 20.20 6.49 5.11
CA LEU B 283 19.20 6.75 6.14
C LEU B 283 18.12 5.67 6.15
N GLU B 284 17.76 5.15 4.99
CA GLU B 284 16.80 4.04 4.96
C GLU B 284 17.34 2.83 5.70
N MET B 285 18.62 2.51 5.48
CA MET B 285 19.22 1.38 6.20
C MET B 285 19.22 1.63 7.70
N LEU B 286 19.72 2.79 8.11
CA LEU B 286 19.81 3.10 9.53
C LEU B 286 18.44 3.22 10.18
N PHE B 287 17.41 3.49 9.41
CA PHE B 287 16.07 3.55 9.99
C PHE B 287 15.45 2.18 10.08
N PHE B 288 15.58 1.37 9.04
CA PHE B 288 14.89 0.10 9.03
C PHE B 288 15.55 -0.92 9.95
N THR B 289 16.88 -0.89 10.08
CA THR B 289 17.50 -1.78 11.05
C THR B 289 17.06 -1.42 12.47
N GLN B 290 16.98 -0.13 12.77
CA GLN B 290 16.50 0.29 14.08
C GLN B 290 15.05 -0.11 14.28
N LEU B 291 14.24 0.01 13.23
CA LEU B 291 12.84 -0.37 13.33
C LEU B 291 12.68 -1.84 13.64
N GLN B 292 13.41 -2.70 12.93
CA GLN B 292 13.22 -4.12 13.18
C GLN B 292 13.95 -4.60 14.42
N VAL B 293 14.94 -3.86 14.92
CA VAL B 293 15.43 -4.16 16.26
C VAL B 293 14.36 -3.84 17.30
N GLY B 294 13.67 -2.73 17.13
CA GLY B 294 12.51 -2.47 17.96
C GLY B 294 11.50 -3.60 17.88
N LEU B 295 11.24 -4.07 16.67
CA LEU B 295 10.30 -5.19 16.49
C LEU B 295 10.75 -6.41 17.27
N ILE B 296 11.98 -6.87 17.04
CA ILE B 296 12.46 -8.09 17.69
C ILE B 296 12.44 -7.94 19.20
N GLN B 297 12.79 -6.76 19.72
CA GLN B 297 12.89 -6.61 21.16
C GLN B 297 11.52 -6.50 21.82
N GLN B 298 10.64 -5.66 21.28
CA GLN B 298 9.36 -5.43 21.94
C GLN B 298 8.35 -6.52 21.63
N TRP B 299 8.15 -6.82 20.36
CA TRP B 299 7.00 -7.63 19.96
C TRP B 299 7.28 -9.12 20.03
N MET B 300 8.50 -9.56 19.76
CA MET B 300 8.74 -10.97 19.54
C MET B 300 9.55 -11.67 20.63
N VAL B 301 10.40 -10.95 21.36
CA VAL B 301 11.14 -11.59 22.44
C VAL B 301 10.22 -11.84 23.63
N PRO B 302 9.37 -10.89 24.03
CA PRO B 302 8.39 -11.21 25.08
C PRO B 302 7.52 -12.41 24.74
N THR B 303 7.01 -12.47 23.52
CA THR B 303 6.16 -13.59 23.14
C THR B 303 6.90 -14.91 23.24
N ILE B 304 8.21 -14.90 23.00
CA ILE B 304 8.98 -16.13 23.07
C ILE B 304 9.24 -16.51 24.51
N GLN B 305 9.73 -15.57 25.32
CA GLN B 305 10.11 -15.90 26.68
C GLN B 305 8.93 -15.88 27.64
N ASN B 306 7.70 -15.73 27.13
CA ASN B 306 6.54 -16.14 27.90
C ASN B 306 6.43 -17.66 27.98
N SER B 307 7.07 -18.37 27.04
CA SER B 307 7.10 -19.83 27.08
C SER B 307 8.42 -20.26 26.42
N MET B 308 9.45 -20.44 27.24
CA MET B 308 10.76 -20.80 26.72
C MET B 308 10.90 -22.30 26.54
N LYS B 309 9.94 -22.91 25.84
CA LYS B 309 9.99 -24.34 25.56
C LYS B 309 10.38 -24.54 24.10
N PRO B 310 11.52 -25.16 23.82
CA PRO B 310 12.01 -25.21 22.44
C PRO B 310 11.18 -26.14 21.58
N PHE B 311 11.07 -25.77 20.30
CA PHE B 311 10.24 -26.54 19.37
C PHE B 311 10.75 -27.96 19.18
N LYS B 312 11.98 -28.26 19.60
CA LYS B 312 12.54 -29.58 19.31
C LYS B 312 11.80 -30.70 20.02
N ASP B 313 11.06 -30.40 21.09
CA ASP B 313 10.31 -31.41 21.82
C ASP B 313 8.81 -31.15 21.92
N MET B 314 8.36 -29.92 21.70
CA MET B 314 6.94 -29.61 21.78
C MET B 314 6.16 -30.39 20.71
N ASP B 315 4.86 -30.52 20.94
CA ASP B 315 4.04 -31.34 20.06
C ASP B 315 3.48 -30.50 18.91
N TYR B 316 3.14 -31.19 17.82
CA TYR B 316 2.63 -30.57 16.62
C TYR B 316 1.31 -29.84 16.84
N SER B 317 0.78 -29.93 18.07
CA SER B 317 -0.39 -29.16 18.46
C SER B 317 -0.03 -27.90 19.22
N ARG B 318 1.03 -27.95 20.03
CA ARG B 318 1.47 -26.75 20.73
C ARG B 318 2.32 -25.86 19.83
N ILE B 319 3.02 -26.46 18.88
CA ILE B 319 3.86 -25.68 17.96
C ILE B 319 3.02 -24.61 17.27
N ILE B 320 1.86 -24.99 16.72
CA ILE B 320 1.05 -24.06 15.96
C ILE B 320 0.43 -23.01 16.87
N GLU B 321 -0.03 -23.43 18.04
CA GLU B 321 -0.55 -22.49 19.02
C GLU B 321 0.48 -21.42 19.35
N ARG B 322 1.75 -21.80 19.43
CA ARG B 322 2.78 -20.82 19.74
C ARG B 322 3.24 -20.06 18.50
N LEU B 323 3.08 -20.63 17.31
CA LEU B 323 3.52 -19.95 16.10
C LEU B 323 2.59 -18.83 15.72
N LEU B 324 1.27 -19.05 15.81
CA LEU B 324 0.34 -17.98 15.48
C LEU B 324 0.63 -16.70 16.24
N LYS B 325 1.28 -16.79 17.39
CA LYS B 325 1.64 -15.58 18.13
C LYS B 325 2.88 -14.90 17.58
N LEU B 326 3.52 -15.47 16.56
CA LEU B 326 4.71 -14.90 15.96
C LEU B 326 4.63 -14.77 14.44
N ALA B 327 3.64 -15.38 13.80
CA ALA B 327 3.61 -15.39 12.35
C ALA B 327 3.53 -13.99 11.77
N VAL B 328 2.91 -13.05 12.45
CA VAL B 328 2.83 -11.69 11.93
C VAL B 328 4.10 -10.90 12.20
N PRO B 329 4.63 -10.85 13.43
CA PRO B 329 5.88 -10.09 13.61
C PRO B 329 7.03 -10.64 12.79
N ASN B 330 7.07 -11.96 12.63
CA ASN B 330 8.06 -12.58 11.77
C ASN B 330 7.95 -12.05 10.35
N HIS B 331 6.74 -12.09 9.80
CA HIS B 331 6.51 -11.60 8.44
C HIS B 331 6.92 -10.14 8.31
N LEU B 332 6.65 -9.34 9.34
CA LEU B 332 7.02 -7.94 9.27
C LEU B 332 8.52 -7.75 9.24
N ILE B 333 9.26 -8.49 10.07
CA ILE B 333 10.71 -8.32 10.00
C ILE B 333 11.26 -8.91 8.72
N TRP B 334 10.57 -9.85 8.08
CA TRP B 334 11.06 -10.34 6.80
C TRP B 334 10.84 -9.30 5.70
N LEU B 335 9.67 -8.65 5.70
CA LEU B 335 9.47 -7.55 4.76
C LEU B 335 10.49 -6.46 4.97
N ILE B 336 10.84 -6.17 6.22
CA ILE B 336 11.82 -5.13 6.46
C ILE B 336 13.20 -5.59 6.03
N PHE B 337 13.53 -6.87 6.21
CA PHE B 337 14.77 -7.38 5.64
C PHE B 337 14.81 -7.17 4.14
N PHE B 338 13.73 -7.49 3.45
CA PHE B 338 13.73 -7.30 2.00
C PHE B 338 14.00 -5.85 1.65
N TYR B 339 13.22 -4.93 2.21
CA TYR B 339 13.42 -3.56 1.77
C TYR B 339 14.74 -2.99 2.23
N TRP B 340 15.27 -3.46 3.35
CA TRP B 340 16.56 -2.95 3.83
C TRP B 340 17.70 -3.48 2.98
N LEU B 341 17.56 -4.68 2.44
CA LEU B 341 18.66 -5.37 1.80
C LEU B 341 18.59 -5.26 0.28
N PHE B 342 17.49 -5.73 -0.32
CA PHE B 342 17.36 -5.77 -1.76
C PHE B 342 17.08 -4.43 -2.39
N HIS B 343 16.74 -3.41 -1.62
CA HIS B 343 16.63 -2.07 -2.17
C HIS B 343 17.68 -1.13 -1.62
N SER B 344 17.70 -0.91 -0.31
CA SER B 344 18.52 0.17 0.23
C SER B 344 20.00 -0.17 0.17
N CYS B 345 20.38 -1.32 0.71
CA CYS B 345 21.80 -1.67 0.74
C CYS B 345 22.35 -1.88 -0.66
N LEU B 346 21.64 -2.61 -1.50
CA LEU B 346 22.12 -2.86 -2.84
C LEU B 346 22.14 -1.59 -3.67
N ASN B 347 21.24 -0.65 -3.42
CA ASN B 347 21.32 0.62 -4.12
C ASN B 347 22.45 1.49 -3.61
N ALA B 348 22.76 1.43 -2.32
CA ALA B 348 23.95 2.12 -1.84
C ALA B 348 25.20 1.58 -2.50
N VAL B 349 25.36 0.25 -2.52
CA VAL B 349 26.50 -0.35 -3.20
C VAL B 349 26.53 0.08 -4.66
N ALA B 350 25.48 -0.25 -5.41
CA ALA B 350 25.41 0.10 -6.81
C ALA B 350 25.52 1.58 -7.07
N GLU B 351 25.42 2.42 -6.05
CA GLU B 351 25.62 3.85 -6.25
C GLU B 351 27.06 4.25 -6.07
N LEU B 352 27.69 3.80 -4.98
CA LEU B 352 29.09 4.08 -4.76
C LEU B 352 29.93 3.62 -5.93
N MET B 353 29.94 2.32 -6.20
CA MET B 353 30.51 1.83 -7.45
C MET B 353 29.46 2.05 -8.52
N GLN B 354 29.67 3.05 -9.37
CA GLN B 354 28.65 3.44 -10.32
C GLN B 354 28.27 2.24 -11.15
N PHE B 355 27.08 1.70 -10.96
CA PHE B 355 26.72 0.45 -11.59
C PHE B 355 25.64 0.62 -12.63
N GLY B 356 24.49 1.15 -12.26
CA GLY B 356 23.51 1.58 -13.23
C GLY B 356 22.43 0.56 -13.54
N ASP B 357 22.68 -0.73 -13.37
CA ASP B 357 21.64 -1.69 -13.68
C ASP B 357 20.48 -1.58 -12.70
N ARG B 358 20.72 -1.87 -11.43
CA ARG B 358 19.79 -1.52 -10.35
C ARG B 358 18.42 -2.15 -10.50
N GLU B 359 18.31 -3.27 -11.20
CA GLU B 359 17.06 -4.03 -11.23
C GLU B 359 17.26 -5.27 -10.38
N PHE B 360 17.03 -5.12 -9.08
CA PHE B 360 17.26 -6.20 -8.13
C PHE B 360 15.99 -6.96 -7.78
N TYR B 361 14.83 -6.49 -8.23
CA TYR B 361 13.57 -7.17 -7.94
C TYR B 361 12.53 -6.64 -8.90
N ARG B 362 11.69 -7.51 -9.40
CA ARG B 362 10.50 -7.07 -10.11
C ARG B 362 9.37 -7.01 -9.09
N ASP B 363 8.14 -6.73 -9.54
CA ASP B 363 7.03 -6.55 -8.62
C ASP B 363 6.58 -7.91 -8.14
N TRP B 364 7.27 -8.42 -7.12
CA TRP B 364 6.85 -9.69 -6.54
C TRP B 364 5.61 -9.56 -5.69
N TRP B 365 5.18 -8.35 -5.36
CA TRP B 365 4.04 -8.22 -4.46
C TRP B 365 2.75 -8.56 -5.18
N ASN B 366 2.48 -7.92 -6.32
CA ASN B 366 1.29 -8.25 -7.08
C ASN B 366 1.52 -9.49 -7.93
N SER B 367 1.85 -10.57 -7.26
CA SER B 367 2.18 -11.85 -7.90
C SER B 367 0.97 -12.76 -7.80
N GLU B 368 0.20 -12.83 -8.87
CA GLU B 368 -1.07 -13.54 -8.79
C GLU B 368 -0.89 -15.02 -8.49
N SER B 369 0.29 -15.59 -8.74
CA SER B 369 0.55 -16.98 -8.42
C SER B 369 1.96 -17.12 -7.88
N VAL B 370 2.16 -18.12 -7.03
CA VAL B 370 3.43 -18.27 -6.33
C VAL B 370 4.58 -18.55 -7.28
N THR B 371 4.32 -19.27 -8.38
CA THR B 371 5.39 -19.48 -9.34
C THR B 371 5.90 -18.19 -9.92
N TYR B 372 5.07 -17.15 -9.93
CA TYR B 372 5.53 -15.85 -10.39
C TYR B 372 6.25 -15.10 -9.28
N PHE B 373 5.93 -15.39 -8.03
CA PHE B 373 6.67 -14.77 -6.94
C PHE B 373 8.07 -15.33 -6.83
N TRP B 374 8.25 -16.60 -7.18
CA TRP B 374 9.56 -17.21 -7.04
C TRP B 374 10.58 -16.65 -8.01
N GLN B 375 10.16 -15.90 -9.02
CA GLN B 375 11.05 -15.40 -10.05
C GLN B 375 11.21 -13.90 -10.02
N ASN B 376 10.58 -13.20 -9.10
CA ASN B 376 10.60 -11.74 -9.15
C ASN B 376 11.11 -11.08 -7.90
N TRP B 377 11.19 -11.78 -6.79
CA TRP B 377 12.00 -11.28 -5.69
C TRP B 377 13.39 -11.82 -5.95
N ASN B 378 14.40 -11.00 -5.67
CA ASN B 378 15.78 -11.44 -5.85
C ASN B 378 16.01 -11.82 -7.32
N ILE B 379 15.91 -10.80 -8.17
CA ILE B 379 16.21 -10.99 -9.58
C ILE B 379 17.63 -11.44 -9.81
N PRO B 380 18.66 -10.92 -9.12
CA PRO B 380 20.01 -11.43 -9.36
C PRO B 380 20.12 -12.94 -9.34
N VAL B 381 19.63 -13.59 -8.30
CA VAL B 381 19.73 -15.03 -8.22
C VAL B 381 18.93 -15.68 -9.31
N HIS B 382 17.81 -15.10 -9.70
CA HIS B 382 16.98 -15.78 -10.68
C HIS B 382 17.58 -15.70 -12.07
N LYS B 383 18.08 -14.53 -12.46
CA LYS B 383 18.74 -14.48 -13.75
C LYS B 383 20.11 -15.11 -13.72
N TRP B 384 20.64 -15.44 -12.55
CA TRP B 384 21.81 -16.30 -12.53
C TRP B 384 21.42 -17.75 -12.79
N CYS B 385 20.36 -18.22 -12.14
CA CYS B 385 19.85 -19.56 -12.41
C CYS B 385 19.55 -19.71 -13.88
N ILE B 386 18.69 -18.84 -14.41
CA ILE B 386 18.17 -18.97 -15.76
C ILE B 386 19.28 -18.97 -16.81
N ARG B 387 20.50 -18.56 -16.45
CA ARG B 387 21.58 -18.47 -17.42
C ARG B 387 22.71 -19.45 -17.19
N HIS B 388 22.94 -19.88 -15.96
CA HIS B 388 24.06 -20.75 -15.68
C HIS B 388 23.67 -22.10 -15.11
N PHE B 389 22.39 -22.36 -14.88
CA PHE B 389 21.98 -23.60 -14.26
C PHE B 389 20.84 -24.19 -15.06
N TYR B 390 20.06 -23.33 -15.71
CA TYR B 390 18.82 -23.71 -16.36
C TYR B 390 19.02 -23.86 -17.86
N LYS B 391 19.42 -22.79 -18.52
CA LYS B 391 19.60 -22.83 -19.96
C LYS B 391 20.78 -23.72 -20.37
N PRO B 392 21.90 -23.73 -19.64
CA PRO B 392 22.95 -24.69 -19.98
C PRO B 392 22.49 -26.13 -19.83
N MET B 393 21.69 -26.41 -18.82
CA MET B 393 21.27 -27.77 -18.57
C MET B 393 19.97 -28.13 -19.29
N LEU B 394 19.41 -27.21 -20.08
CA LEU B 394 18.44 -27.57 -21.09
C LEU B 394 19.06 -27.68 -22.47
N ARG B 395 20.08 -26.90 -22.77
CA ARG B 395 20.75 -26.97 -24.07
C ARG B 395 21.32 -28.37 -24.28
N ARG B 396 22.30 -28.75 -23.47
CA ARG B 396 22.87 -30.09 -23.55
C ARG B 396 22.15 -31.02 -22.56
N GLY B 397 20.85 -31.12 -22.76
CA GLY B 397 20.04 -31.97 -21.92
C GLY B 397 18.58 -31.86 -22.31
N SER B 398 17.73 -32.40 -21.45
CA SER B 398 16.30 -32.31 -21.67
C SER B 398 15.60 -32.58 -20.34
N SER B 399 14.30 -32.86 -20.39
CA SER B 399 13.48 -33.10 -19.22
C SER B 399 13.47 -31.87 -18.31
N LYS B 400 12.86 -30.81 -18.85
CA LYS B 400 12.82 -29.53 -18.17
C LYS B 400 12.33 -29.64 -16.74
N TRP B 401 11.41 -30.57 -16.47
CA TRP B 401 10.95 -30.76 -15.09
C TRP B 401 12.10 -31.23 -14.20
N MET B 402 13.01 -32.03 -14.74
CA MET B 402 14.20 -32.38 -13.99
C MET B 402 15.03 -31.15 -13.66
N ALA B 403 15.04 -30.16 -14.57
CA ALA B 403 15.79 -28.94 -14.29
C ALA B 403 15.11 -28.09 -13.22
N ARG B 404 13.78 -28.01 -13.26
CA ARG B 404 13.08 -27.31 -12.20
C ARG B 404 13.34 -27.99 -10.86
N THR B 405 13.38 -29.31 -10.86
CA THR B 405 13.76 -30.04 -9.65
C THR B 405 15.19 -29.71 -9.23
N GLY B 406 16.10 -29.61 -10.19
CA GLY B 406 17.47 -29.28 -9.86
C GLY B 406 17.61 -27.92 -9.21
N VAL B 407 16.88 -26.94 -9.73
CA VAL B 407 16.93 -25.62 -9.11
C VAL B 407 16.31 -25.64 -7.72
N PHE B 408 15.23 -26.42 -7.56
CA PHE B 408 14.67 -26.54 -6.22
C PHE B 408 15.67 -27.16 -5.25
N LEU B 409 16.39 -28.18 -5.70
CA LEU B 409 17.34 -28.84 -4.81
C LEU B 409 18.51 -27.93 -4.47
N ALA B 410 19.01 -27.18 -5.45
CA ALA B 410 20.08 -26.24 -5.14
C ALA B 410 19.60 -25.16 -4.19
N SER B 411 18.37 -24.70 -4.36
CA SER B 411 17.83 -23.71 -3.45
C SER B 411 17.70 -24.27 -2.05
N ALA B 412 17.28 -25.52 -1.93
CA ALA B 412 17.18 -26.15 -0.62
C ALA B 412 18.56 -26.31 0.01
N PHE B 413 19.57 -26.63 -0.80
CA PHE B 413 20.91 -26.78 -0.25
C PHE B 413 21.42 -25.47 0.30
N PHE B 414 21.24 -24.38 -0.45
CA PHE B 414 21.72 -23.10 0.07
C PHE B 414 20.90 -22.63 1.26
N HIS B 415 19.60 -22.95 1.28
CA HIS B 415 18.78 -22.68 2.45
C HIS B 415 19.36 -23.37 3.68
N GLU B 416 19.38 -24.70 3.67
CA GLU B 416 19.88 -25.53 4.75
C GLU B 416 21.38 -25.40 4.97
N TYR B 417 22.08 -24.63 4.15
CA TYR B 417 23.47 -24.33 4.40
C TYR B 417 23.66 -22.97 5.05
N LEU B 418 22.79 -22.02 4.77
CA LEU B 418 22.91 -20.71 5.36
C LEU B 418 22.17 -20.57 6.67
N VAL B 419 21.13 -21.35 6.92
CA VAL B 419 20.35 -21.15 8.13
C VAL B 419 20.71 -22.21 9.16
N SER B 420 21.14 -23.38 8.71
CA SER B 420 21.38 -24.48 9.63
C SER B 420 22.82 -24.59 10.10
N VAL B 421 23.78 -24.19 9.27
CA VAL B 421 25.18 -24.29 9.65
C VAL B 421 25.53 -23.27 10.73
N PRO B 422 25.19 -21.98 10.60
CA PRO B 422 25.56 -21.05 11.67
C PRO B 422 24.96 -21.38 13.02
N LEU B 423 23.75 -21.91 13.05
CA LEU B 423 23.09 -22.27 14.29
C LEU B 423 23.33 -23.73 14.67
N ARG B 424 24.10 -24.47 13.90
CA ARG B 424 24.49 -25.83 14.21
C ARG B 424 23.30 -26.77 14.39
N MET B 425 22.14 -26.42 13.84
CA MET B 425 20.98 -27.30 13.87
C MET B 425 20.84 -27.98 12.53
N PHE B 426 20.39 -29.23 12.55
CA PHE B 426 20.17 -29.94 11.30
C PHE B 426 18.87 -30.72 11.36
N ARG B 427 17.81 -30.09 11.83
CA ARG B 427 16.52 -30.75 11.95
C ARG B 427 15.86 -30.99 10.61
N LEU B 428 16.35 -30.38 9.55
CA LEU B 428 15.73 -30.42 8.23
C LEU B 428 14.24 -30.07 8.33
N TRP B 429 14.00 -28.90 8.90
CA TRP B 429 12.72 -28.21 8.82
C TRP B 429 12.62 -27.39 7.56
N ALA B 430 13.66 -26.61 7.25
CA ALA B 430 13.63 -25.78 6.05
C ALA B 430 13.49 -26.64 4.81
N PHE B 431 13.93 -27.89 4.85
CA PHE B 431 13.72 -28.75 3.70
C PHE B 431 12.24 -29.10 3.54
N THR B 432 11.56 -29.39 4.63
CA THR B 432 10.11 -29.57 4.54
C THR B 432 9.43 -28.29 4.11
N GLY B 433 9.95 -27.14 4.51
CA GLY B 433 9.37 -25.88 4.08
C GLY B 433 9.50 -25.68 2.58
N MET B 434 10.67 -26.00 2.02
CA MET B 434 10.85 -25.89 0.58
C MET B 434 10.07 -26.97 -0.16
N MET B 435 9.91 -28.14 0.44
CA MET B 435 9.18 -29.21 -0.23
C MET B 435 7.70 -28.92 -0.28
N ALA B 436 7.15 -28.39 0.81
CA ALA B 436 5.73 -28.11 0.86
C ALA B 436 5.35 -26.91 0.07
N GLN B 437 6.24 -26.36 -0.74
CA GLN B 437 5.86 -25.24 -1.60
C GLN B 437 5.18 -25.74 -2.88
N ILE B 438 5.64 -26.85 -3.43
CA ILE B 438 5.07 -27.39 -4.67
C ILE B 438 3.64 -27.85 -4.40
N PRO B 439 3.36 -28.63 -3.36
CA PRO B 439 1.97 -28.92 -3.01
C PRO B 439 1.16 -27.67 -2.77
N LEU B 440 1.80 -26.55 -2.45
CA LEU B 440 1.11 -25.28 -2.35
C LEU B 440 1.13 -24.52 -3.65
N ALA B 441 2.21 -24.65 -4.44
CA ALA B 441 2.28 -23.95 -5.71
C ALA B 441 1.19 -24.43 -6.65
N TRP B 442 1.11 -25.74 -6.87
CA TRP B 442 0.08 -26.27 -7.75
C TRP B 442 -1.31 -25.93 -7.25
N PHE B 443 -1.50 -25.98 -5.93
CA PHE B 443 -2.79 -25.68 -5.35
C PHE B 443 -3.23 -24.25 -5.65
N VAL B 444 -2.37 -23.27 -5.32
CA VAL B 444 -2.72 -21.88 -5.55
C VAL B 444 -2.92 -21.60 -7.03
N GLY B 445 -2.04 -22.15 -7.88
CA GLY B 445 -2.20 -21.93 -9.30
C GLY B 445 -3.39 -22.63 -9.90
N ARG B 446 -3.92 -23.65 -9.21
CA ARG B 446 -5.06 -24.38 -9.74
C ARG B 446 -6.39 -23.77 -9.34
N PHE B 447 -6.52 -23.31 -8.09
CA PHE B 447 -7.83 -22.88 -7.62
C PHE B 447 -8.00 -21.36 -7.70
N PHE B 448 -7.12 -20.62 -7.05
CA PHE B 448 -7.29 -19.18 -6.96
C PHE B 448 -6.85 -18.51 -8.26
N GLN B 449 -7.40 -17.31 -8.49
CA GLN B 449 -7.06 -16.52 -9.67
C GLN B 449 -7.18 -15.05 -9.32
N GLY B 450 -6.28 -14.25 -9.88
CA GLY B 450 -6.42 -12.82 -9.72
C GLY B 450 -6.23 -12.37 -8.30
N ASN B 451 -7.01 -11.35 -7.90
CA ASN B 451 -6.82 -10.71 -6.61
C ASN B 451 -7.11 -11.62 -5.44
N TYR B 452 -7.40 -12.89 -5.68
CA TYR B 452 -7.42 -13.88 -4.63
C TYR B 452 -6.22 -14.81 -4.70
N GLY B 453 -5.69 -15.05 -5.90
CA GLY B 453 -4.39 -15.68 -5.98
C GLY B 453 -3.31 -14.84 -5.33
N ASN B 454 -3.43 -13.52 -5.43
CA ASN B 454 -2.48 -12.65 -4.76
C ASN B 454 -2.61 -12.76 -3.25
N ALA B 455 -3.82 -12.92 -2.74
CA ALA B 455 -3.98 -13.15 -1.31
C ALA B 455 -3.45 -14.50 -0.90
N ALA B 456 -3.58 -15.51 -1.77
CA ALA B 456 -2.98 -16.80 -1.47
C ALA B 456 -1.47 -16.68 -1.37
N VAL B 457 -0.85 -15.94 -2.28
CA VAL B 457 0.59 -15.77 -2.21
C VAL B 457 0.98 -15.01 -0.95
N TRP B 458 0.22 -13.97 -0.60
CA TRP B 458 0.56 -13.21 0.59
C TRP B 458 0.38 -14.03 1.86
N LEU B 459 -0.52 -15.00 1.85
CA LEU B 459 -0.61 -15.91 2.99
C LEU B 459 0.54 -16.89 3.00
N SER B 460 0.90 -17.43 1.84
CA SER B 460 2.05 -18.31 1.76
C SER B 460 3.31 -17.63 2.28
N LEU B 461 3.43 -16.33 2.08
CA LEU B 461 4.59 -15.62 2.58
C LEU B 461 4.55 -15.37 4.08
N ILE B 462 3.44 -15.66 4.73
CA ILE B 462 3.29 -15.45 6.16
C ILE B 462 3.48 -16.73 6.93
N ILE B 463 2.77 -17.78 6.54
CA ILE B 463 2.83 -19.06 7.22
C ILE B 463 3.65 -20.08 6.44
N GLY B 464 4.34 -19.65 5.41
CA GLY B 464 5.07 -20.60 4.59
C GLY B 464 6.52 -20.71 4.94
N GLN B 465 7.39 -20.22 4.07
CA GLN B 465 8.82 -20.47 4.25
C GLN B 465 9.42 -19.70 5.40
N PRO B 466 9.19 -18.38 5.56
CA PRO B 466 9.86 -17.66 6.66
C PRO B 466 9.62 -18.27 8.02
N ILE B 467 8.49 -18.96 8.21
CA ILE B 467 8.25 -19.68 9.45
C ILE B 467 9.35 -20.72 9.66
N ALA B 468 9.79 -21.36 8.59
CA ALA B 468 10.77 -22.42 8.70
C ALA B 468 12.15 -21.90 9.04
N VAL B 469 12.34 -20.59 9.09
CA VAL B 469 13.56 -20.00 9.63
C VAL B 469 13.31 -19.44 11.02
N LEU B 470 12.10 -18.94 11.25
CA LEU B 470 11.72 -18.56 12.61
C LEU B 470 11.86 -19.70 13.58
N MET B 471 11.57 -20.92 13.12
CA MET B 471 11.72 -22.07 14.01
C MET B 471 13.17 -22.22 14.46
N TYR B 472 14.11 -22.14 13.51
CA TYR B 472 15.52 -22.28 13.87
C TYR B 472 15.94 -21.19 14.84
N VAL B 473 15.64 -19.94 14.53
CA VAL B 473 16.12 -18.85 15.38
C VAL B 473 15.45 -18.90 16.75
N HIS B 474 14.20 -19.36 16.82
CA HIS B 474 13.55 -19.52 18.12
C HIS B 474 14.22 -20.62 18.93
N ASP B 475 14.37 -21.80 18.35
CA ASP B 475 15.03 -22.89 19.06
C ASP B 475 16.46 -22.54 19.44
N TYR B 476 17.07 -21.57 18.77
CA TYR B 476 18.40 -21.16 19.20
C TYR B 476 18.36 -20.13 20.30
N TYR B 477 17.50 -19.12 20.19
CA TYR B 477 17.43 -18.11 21.24
C TYR B 477 16.94 -18.71 22.54
N VAL B 478 16.12 -19.75 22.47
CA VAL B 478 15.59 -20.37 23.68
C VAL B 478 16.68 -21.16 24.37
N LEU B 479 17.47 -21.88 23.61
CA LEU B 479 18.49 -22.72 24.22
C LEU B 479 19.63 -21.93 24.79
N ASN B 480 19.60 -20.60 24.84
CA ASN B 480 20.78 -19.85 25.23
C ASN B 480 20.51 -18.62 26.09
N TYR B 481 19.27 -18.34 26.49
CA TYR B 481 19.00 -17.11 27.21
C TYR B 481 17.87 -17.25 28.22
#